data_9F3J
#
_entry.id   9F3J
#
_cell.length_a   187.890
_cell.length_b   187.890
_cell.length_c   92.151
_cell.angle_alpha   90.000
_cell.angle_beta   90.000
_cell.angle_gamma   90.000
#
_symmetry.space_group_name_H-M   'I 4'
#
loop_
_entity.id
_entity.type
_entity.pdbx_description
1 polymer Glucokinase-1
2 non-polymer alpha-D-mannopyranose
3 non-polymer 'MALONATE ION'
4 water water
#
_entity_poly.entity_id   1
_entity_poly.type   'polypeptide(L)'
_entity_poly.pdbx_seq_one_letter_code
;MSDPKLTKAVDSICDQFIVTKSKISQLTEYFIDCMEKGLEPCESDISQNKGLPMIPTFVTDKPSGQEHGVTMLAADLGGT
NFRVCSVELLGNHEFKIEQEKSKIPTFFFQDDHHVTSKDLFQHMALITHQFLTKHHKDVIQDYKWKMGFTFSYPVDQTSL
SSGKLIRWTKGFKIGDTVGQDVVQLFQQELNDIGLSNVHVVALTNDTTGTLLARCYASSDAARAINEPVIGCIFGTGTNG
CYMEKLENIHKLDPASREELLSQGKTHMCINTEWGSFDNELNHLPTTSYDIKIDQQFSTNPGFHLFEKRVSGLYLGEILR
NILLDLEKQELFDLKESVLKNNPFILTTETLSHIEIDTVENDLQDTRDALLKAADLETTFEERVLIQKLVRAISRRAAFL
AAVPIAAILIKTNALNQSYHCQVEVGCDGSVVEHYPGFRSMMRHALALSPIGPEGERDVHLRISKDGSGVGAALCALHAN
Y
;
_entity_poly.pdbx_strand_id   A,B
#
loop_
_chem_comp.id
_chem_comp.type
_chem_comp.name
_chem_comp.formula
MAN D-saccharide, alpha linking alpha-D-mannopyranose 'C6 H12 O6'
MLI non-polymer 'MALONATE ION' 'C3 H2 O4 -2'
#
# COMPACT_ATOMS: atom_id res chain seq x y z
N SER A 2 -18.29 27.22 25.22
CA SER A 2 -19.32 27.49 26.21
C SER A 2 -18.70 27.74 27.59
N ASP A 3 -17.67 26.97 27.92
CA ASP A 3 -16.97 27.11 29.20
C ASP A 3 -15.49 27.34 28.92
N PRO A 4 -15.03 28.60 28.90
CA PRO A 4 -13.63 28.86 28.56
C PRO A 4 -12.63 28.20 29.49
N LYS A 5 -12.99 27.93 30.74
CA LYS A 5 -12.04 27.31 31.66
C LYS A 5 -11.83 25.83 31.33
N LEU A 6 -12.90 25.14 30.91
CA LEU A 6 -12.74 23.76 30.47
C LEU A 6 -11.93 23.68 29.18
N THR A 7 -12.16 24.62 28.26
CA THR A 7 -11.43 24.61 26.99
C THR A 7 -9.94 24.78 27.21
N LYS A 8 -9.55 25.71 28.09
CA LYS A 8 -8.13 25.91 28.35
C LYS A 8 -7.51 24.73 29.10
N ALA A 9 -8.28 24.09 29.98
CA ALA A 9 -7.79 22.89 30.65
C ALA A 9 -7.51 21.78 29.66
N VAL A 10 -8.40 21.60 28.68
CA VAL A 10 -8.22 20.54 27.69
C VAL A 10 -7.03 20.84 26.80
N ASP A 11 -6.94 22.07 26.28
CA ASP A 11 -5.80 22.45 25.46
C ASP A 11 -4.49 22.22 26.22
N SER A 12 -4.49 22.48 27.53
CA SER A 12 -3.29 22.27 28.33
C SER A 12 -2.97 20.79 28.46
N ILE A 13 -3.99 19.95 28.64
CA ILE A 13 -3.77 18.52 28.70
C ILE A 13 -3.27 18.00 27.36
N CYS A 14 -3.85 18.49 26.27
CA CYS A 14 -3.41 18.07 24.94
C CYS A 14 -1.94 18.39 24.72
N ASP A 15 -1.47 19.52 25.24
CA ASP A 15 -0.06 19.88 25.08
C ASP A 15 0.86 18.92 25.82
N GLN A 16 0.36 18.26 26.87
CA GLN A 16 1.18 17.30 27.60
C GLN A 16 1.52 16.07 26.76
N PHE A 17 0.77 15.81 25.69
CA PHE A 17 0.96 14.62 24.87
C PHE A 17 1.78 14.90 23.62
N ILE A 18 2.26 16.13 23.43
CA ILE A 18 3.05 16.44 22.25
C ILE A 18 4.40 15.77 22.35
N VAL A 19 4.85 15.17 21.25
CA VAL A 19 6.17 14.56 21.14
C VAL A 19 6.91 15.30 20.03
N THR A 20 8.00 15.97 20.38
CA THR A 20 8.72 16.82 19.46
C THR A 20 9.74 16.01 18.66
N LYS A 21 10.26 16.64 17.60
CA LYS A 21 11.32 16.00 16.82
C LYS A 21 12.52 15.66 17.70
N SER A 22 12.95 16.62 18.53
CA SER A 22 14.10 16.38 19.38
C SER A 22 13.86 15.24 20.35
N LYS A 23 12.62 15.12 20.85
CA LYS A 23 12.27 14.00 21.72
C LYS A 23 12.39 12.68 20.97
N ILE A 24 11.86 12.63 19.75
CA ILE A 24 11.96 11.42 18.94
C ILE A 24 13.43 11.04 18.74
N SER A 25 14.26 12.03 18.42
CA SER A 25 15.69 11.77 18.28
C SER A 25 16.27 11.19 19.56
N GLN A 26 15.94 11.79 20.71
CA GLN A 26 16.43 11.28 21.99
C GLN A 26 15.98 9.84 22.22
N LEU A 27 14.68 9.58 22.05
CA LEU A 27 14.15 8.24 22.29
C LEU A 27 14.73 7.23 21.29
N THR A 28 14.91 7.64 20.03
CA THR A 28 15.50 6.75 19.05
C THR A 28 16.92 6.36 19.44
N GLU A 29 17.74 7.36 19.81
CA GLU A 29 19.09 7.08 20.27
C GLU A 29 19.07 6.18 21.50
N TYR A 30 18.23 6.51 22.48
CA TYR A 30 18.18 5.72 23.71
C TYR A 30 17.73 4.30 23.43
N PHE A 31 16.78 4.11 22.52
CA PHE A 31 16.32 2.76 22.20
C PHE A 31 17.48 1.90 21.71
N ILE A 32 18.37 2.48 20.89
CA ILE A 32 19.52 1.73 20.40
C ILE A 32 20.43 1.34 21.56
N ASP A 33 20.68 2.28 22.47
CA ASP A 33 21.46 1.95 23.67
C ASP A 33 20.81 0.78 24.41
N CYS A 34 19.49 0.84 24.62
CA CYS A 34 18.80 -0.23 25.33
C CYS A 34 18.85 -1.54 24.56
N MET A 35 18.87 -1.48 23.22
CA MET A 35 19.04 -2.70 22.44
C MET A 35 20.38 -3.37 22.75
N GLU A 36 21.45 -2.57 22.75
CA GLU A 36 22.78 -3.12 22.98
C GLU A 36 22.92 -3.66 24.40
N LYS A 37 22.41 -2.93 25.39
CA LYS A 37 22.39 -3.44 26.75
C LYS A 37 21.61 -4.75 26.83
N GLY A 38 20.45 -4.81 26.18
CA GLY A 38 19.58 -5.97 26.27
C GLY A 38 20.14 -7.20 25.59
N LEU A 39 21.09 -7.04 24.68
CA LEU A 39 21.71 -8.18 24.02
C LEU A 39 22.79 -8.84 24.88
N GLU A 40 23.14 -8.23 26.00
CA GLU A 40 24.07 -8.81 26.95
C GLU A 40 23.33 -9.74 27.91
N PRO A 41 24.04 -10.69 28.52
CA PRO A 41 23.41 -11.50 29.56
C PRO A 41 23.00 -10.60 30.72
N CYS A 42 21.85 -10.93 31.31
CA CYS A 42 21.26 -10.03 32.30
C CYS A 42 21.92 -10.12 33.67
N GLU A 43 22.70 -11.17 33.94
CA GLU A 43 23.42 -11.29 35.21
C GLU A 43 22.49 -11.22 36.42
N SER A 44 21.19 -11.43 36.18
CA SER A 44 20.18 -11.50 37.22
C SER A 44 19.08 -12.44 36.73
N ASP A 45 17.97 -12.50 37.46
CA ASP A 45 16.82 -13.25 36.99
C ASP A 45 16.21 -12.53 35.79
N ILE A 46 15.83 -13.32 34.78
CA ILE A 46 15.22 -12.73 33.58
C ILE A 46 13.88 -12.09 33.92
N SER A 47 13.19 -12.59 34.94
CA SER A 47 11.93 -11.99 35.38
C SER A 47 12.14 -10.69 36.14
N GLN A 48 13.30 -10.51 36.76
CA GLN A 48 13.63 -9.26 37.44
C GLN A 48 14.17 -8.21 36.49
N ASN A 49 14.69 -8.62 35.33
CA ASN A 49 15.31 -7.70 34.40
C ASN A 49 14.35 -6.58 34.01
N LYS A 50 14.82 -5.33 34.15
CA LYS A 50 14.03 -4.16 33.82
C LYS A 50 14.39 -3.55 32.47
N GLY A 51 15.42 -4.05 31.79
CA GLY A 51 15.84 -3.52 30.53
C GLY A 51 15.02 -4.06 29.37
N LEU A 52 15.49 -3.74 28.16
CA LEU A 52 14.82 -4.21 26.95
C LEU A 52 15.09 -5.70 26.78
N PRO A 53 14.08 -6.57 26.87
CA PRO A 53 14.37 -8.02 26.95
C PRO A 53 15.27 -8.56 25.85
N MET A 54 15.01 -8.23 24.59
CA MET A 54 15.85 -8.68 23.46
C MET A 54 16.04 -10.19 23.51
N ILE A 55 14.93 -10.89 23.33
CA ILE A 55 14.87 -12.33 23.55
C ILE A 55 15.23 -13.05 22.24
N PRO A 56 16.26 -13.89 22.24
CA PRO A 56 16.55 -14.69 21.03
C PRO A 56 15.45 -15.71 20.79
N THR A 57 15.00 -15.79 19.53
CA THR A 57 13.90 -16.65 19.13
C THR A 57 14.35 -17.99 18.58
N PHE A 58 15.65 -18.16 18.31
CA PHE A 58 16.19 -19.36 17.69
C PHE A 58 15.63 -19.60 16.29
N VAL A 59 15.22 -18.52 15.62
CA VAL A 59 14.91 -18.54 14.20
C VAL A 59 16.05 -17.84 13.47
N THR A 60 16.70 -18.56 12.57
CA THR A 60 17.91 -18.07 11.91
C THR A 60 17.77 -17.90 10.41
N ASP A 61 16.63 -18.27 9.82
CA ASP A 61 16.47 -18.27 8.38
C ASP A 61 15.16 -17.58 8.00
N LYS A 62 15.25 -16.61 7.10
CA LYS A 62 14.06 -15.95 6.57
C LYS A 62 13.49 -16.79 5.42
N PRO A 63 12.21 -17.15 5.45
CA PRO A 63 11.65 -17.94 4.37
C PRO A 63 11.91 -17.31 3.00
N SER A 64 12.12 -18.15 2.00
CA SER A 64 12.34 -17.68 0.63
C SER A 64 11.04 -17.54 -0.15
N GLY A 65 9.96 -18.17 0.30
CA GLY A 65 8.73 -18.22 -0.44
C GLY A 65 8.53 -19.49 -1.23
N GLN A 66 9.58 -20.32 -1.36
CA GLN A 66 9.51 -21.58 -2.08
C GLN A 66 9.35 -22.78 -1.15
N GLU A 67 9.19 -22.55 0.15
CA GLU A 67 8.94 -23.65 1.06
C GLU A 67 7.59 -24.29 0.76
N HIS A 68 7.54 -25.62 0.86
CA HIS A 68 6.31 -26.35 0.59
C HIS A 68 6.35 -27.64 1.38
N GLY A 69 5.16 -28.19 1.63
CA GLY A 69 5.07 -29.43 2.38
C GLY A 69 3.61 -29.75 2.63
N VAL A 70 3.42 -30.84 3.39
CA VAL A 70 2.07 -31.28 3.74
C VAL A 70 1.45 -30.26 4.68
N THR A 71 0.14 -30.40 4.91
CA THR A 71 -0.58 -29.44 5.73
C THR A 71 -0.02 -29.39 7.15
N MET A 72 0.28 -28.18 7.61
CA MET A 72 0.72 -27.94 8.97
C MET A 72 -0.42 -27.37 9.80
N LEU A 73 -0.36 -27.60 11.11
CA LEU A 73 -1.30 -27.00 12.04
C LEU A 73 -0.65 -25.80 12.73
N ALA A 74 -1.48 -24.87 13.18
CA ALA A 74 -1.01 -23.71 13.91
C ALA A 74 -2.07 -23.28 14.90
N ALA A 75 -1.62 -22.91 16.10
CA ALA A 75 -2.47 -22.35 17.15
C ALA A 75 -1.92 -21.00 17.55
N ASP A 76 -2.81 -20.04 17.80
CA ASP A 76 -2.43 -18.65 18.05
C ASP A 76 -3.22 -18.14 19.24
N LEU A 77 -2.55 -17.92 20.37
CA LEU A 77 -3.16 -17.33 21.56
C LEU A 77 -2.74 -15.87 21.64
N GLY A 78 -3.70 -14.97 21.48
CA GLY A 78 -3.49 -13.55 21.64
C GLY A 78 -3.94 -13.07 23.01
N GLY A 79 -4.28 -11.77 23.07
CA GLY A 79 -4.84 -11.20 24.27
C GLY A 79 -6.35 -11.21 24.33
N THR A 80 -6.99 -11.53 23.22
CA THR A 80 -8.44 -11.50 23.09
C THR A 80 -9.01 -12.77 22.49
N ASN A 81 -8.34 -13.35 21.50
CA ASN A 81 -8.86 -14.50 20.78
C ASN A 81 -7.84 -15.63 20.80
N PHE A 82 -8.35 -16.84 20.60
CA PHE A 82 -7.53 -18.00 20.30
C PHE A 82 -8.04 -18.58 18.99
N ARG A 83 -7.12 -18.84 18.07
CA ARG A 83 -7.49 -19.38 16.76
C ARG A 83 -6.62 -20.57 16.44
N VAL A 84 -7.23 -21.57 15.81
CA VAL A 84 -6.53 -22.74 15.31
C VAL A 84 -6.73 -22.78 13.80
N CYS A 85 -5.66 -23.11 13.07
CA CYS A 85 -5.74 -23.14 11.63
C CYS A 85 -4.85 -24.26 11.10
N SER A 86 -5.13 -24.65 9.85
CA SER A 86 -4.27 -25.56 9.09
C SER A 86 -3.77 -24.82 7.87
N VAL A 87 -2.46 -24.92 7.61
CA VAL A 87 -1.81 -24.19 6.53
C VAL A 87 -1.08 -25.20 5.65
N GLU A 88 -1.41 -25.18 4.36
CA GLU A 88 -0.73 -26.00 3.35
C GLU A 88 0.18 -25.08 2.55
N LEU A 89 1.48 -25.20 2.75
CA LEU A 89 2.44 -24.37 2.04
C LEU A 89 2.70 -24.96 0.67
N LEU A 90 2.34 -24.20 -0.38
CA LEU A 90 2.40 -24.67 -1.75
C LEU A 90 3.66 -24.23 -2.47
N GLY A 91 4.55 -23.50 -1.82
CA GLY A 91 5.67 -22.90 -2.51
C GLY A 91 5.21 -21.81 -3.45
N ASN A 92 6.16 -21.08 -4.05
CA ASN A 92 5.83 -19.99 -4.95
C ASN A 92 4.99 -18.91 -4.26
N HIS A 93 5.20 -18.73 -2.97
CA HIS A 93 4.55 -17.70 -2.16
C HIS A 93 3.06 -17.95 -1.96
N GLU A 94 2.58 -19.16 -2.21
CA GLU A 94 1.17 -19.49 -2.09
C GLU A 94 0.94 -20.46 -0.94
N PHE A 95 -0.28 -20.44 -0.41
CA PHE A 95 -0.65 -21.35 0.66
C PHE A 95 -2.16 -21.42 0.75
N LYS A 96 -2.65 -22.56 1.24
CA LYS A 96 -4.06 -22.74 1.58
C LYS A 96 -4.19 -22.73 3.10
N ILE A 97 -5.13 -21.94 3.62
CA ILE A 97 -5.33 -21.84 5.06
C ILE A 97 -6.80 -22.08 5.39
N GLU A 98 -7.05 -22.89 6.41
CA GLU A 98 -8.35 -23.04 7.04
C GLU A 98 -8.17 -22.70 8.51
N GLN A 99 -9.02 -21.82 9.03
CA GLN A 99 -8.85 -21.36 10.40
C GLN A 99 -10.20 -21.15 11.07
N GLU A 100 -10.18 -21.26 12.40
CA GLU A 100 -11.33 -20.97 13.25
C GLU A 100 -10.88 -20.05 14.37
N LYS A 101 -11.60 -18.94 14.53
CA LYS A 101 -11.30 -17.94 15.54
C LYS A 101 -12.37 -17.97 16.61
N SER A 102 -11.96 -17.82 17.87
CA SER A 102 -12.90 -17.86 18.99
C SER A 102 -12.36 -16.95 20.09
N LYS A 103 -13.28 -16.25 20.76
CA LYS A 103 -12.92 -15.38 21.86
C LYS A 103 -12.41 -16.19 23.05
N ILE A 104 -11.45 -15.62 23.77
CA ILE A 104 -10.99 -16.19 25.03
C ILE A 104 -12.10 -15.95 26.05
N PRO A 105 -12.67 -17.00 26.65
CA PRO A 105 -13.78 -16.79 27.59
C PRO A 105 -13.45 -15.80 28.70
N THR A 106 -14.46 -15.03 29.12
CA THR A 106 -14.29 -14.12 30.23
C THR A 106 -13.94 -14.85 31.53
N PHE A 107 -14.21 -16.15 31.60
CA PHE A 107 -13.79 -16.92 32.77
C PHE A 107 -12.31 -16.70 33.06
N PHE A 108 -11.50 -16.61 32.00
CA PHE A 108 -10.06 -16.42 32.14
C PHE A 108 -9.69 -14.98 32.46
N PHE A 109 -10.66 -14.07 32.50
CA PHE A 109 -10.39 -12.66 32.75
C PHE A 109 -10.88 -12.18 34.11
N GLN A 110 -11.55 -13.03 34.88
CA GLN A 110 -12.08 -12.65 36.18
CA GLN A 110 -12.09 -12.67 36.19
C GLN A 110 -11.24 -13.29 37.29
N ASP A 111 -10.78 -12.46 38.22
CA ASP A 111 -10.07 -12.95 39.39
C ASP A 111 -11.02 -13.42 40.49
N ASP A 112 -12.33 -13.25 40.29
CA ASP A 112 -13.31 -13.67 41.28
C ASP A 112 -13.23 -15.16 41.56
N HIS A 113 -12.70 -15.95 40.62
CA HIS A 113 -12.50 -17.37 40.81
CA HIS A 113 -12.50 -17.37 40.80
C HIS A 113 -11.12 -17.75 40.28
N HIS A 114 -10.59 -18.84 40.81
CA HIS A 114 -9.22 -19.24 40.52
C HIS A 114 -9.11 -19.88 39.13
N VAL A 115 -8.14 -19.41 38.35
CA VAL A 115 -7.87 -19.94 37.02
C VAL A 115 -6.47 -20.54 37.02
N THR A 116 -6.34 -21.72 36.41
CA THR A 116 -5.08 -22.45 36.34
C THR A 116 -4.65 -22.62 34.89
N SER A 117 -3.38 -23.00 34.72
CA SER A 117 -2.87 -23.26 33.37
C SER A 117 -3.63 -24.40 32.70
N LYS A 118 -4.03 -25.41 33.49
CA LYS A 118 -4.78 -26.52 32.90
C LYS A 118 -6.10 -26.04 32.33
N ASP A 119 -6.75 -25.08 32.99
CA ASP A 119 -7.97 -24.50 32.44
C ASP A 119 -7.72 -23.92 31.05
N LEU A 120 -6.67 -23.10 30.92
CA LEU A 120 -6.38 -22.43 29.66
C LEU A 120 -6.05 -23.45 28.57
N PHE A 121 -5.05 -24.30 28.82
CA PHE A 121 -4.55 -25.17 27.77
C PHE A 121 -5.49 -26.34 27.48
N GLN A 122 -6.30 -26.76 28.45
CA GLN A 122 -7.36 -27.71 28.14
C GLN A 122 -8.39 -27.09 27.20
N HIS A 123 -8.76 -25.83 27.46
CA HIS A 123 -9.66 -25.12 26.54
C HIS A 123 -9.04 -25.03 25.16
N MET A 124 -7.74 -24.76 25.08
CA MET A 124 -7.07 -24.67 23.79
C MET A 124 -7.02 -26.02 23.10
N ALA A 125 -6.79 -27.09 23.86
CA ALA A 125 -6.73 -28.42 23.27
C ALA A 125 -8.09 -28.86 22.75
N LEU A 126 -9.17 -28.49 23.45
CA LEU A 126 -10.51 -28.84 22.98
C LEU A 126 -10.87 -28.07 21.72
N ILE A 127 -10.52 -26.78 21.67
CA ILE A 127 -10.74 -26.01 20.46
C ILE A 127 -9.97 -26.62 19.29
N THR A 128 -8.73 -27.06 19.54
CA THR A 128 -7.97 -27.74 18.50
C THR A 128 -8.70 -29.00 18.04
N HIS A 129 -9.18 -29.81 18.99
CA HIS A 129 -9.94 -31.00 18.62
C HIS A 129 -11.16 -30.63 17.79
N GLN A 130 -11.85 -29.56 18.18
CA GLN A 130 -13.02 -29.12 17.43
C GLN A 130 -12.65 -28.69 16.02
N PHE A 131 -11.52 -28.00 15.87
CA PHE A 131 -11.08 -27.61 14.54
C PHE A 131 -10.79 -28.83 13.68
N LEU A 132 -10.06 -29.80 14.21
CA LEU A 132 -9.74 -31.00 13.44
C LEU A 132 -10.99 -31.80 13.12
N THR A 133 -11.97 -31.81 14.03
CA THR A 133 -13.22 -32.52 13.75
C THR A 133 -13.98 -31.87 12.61
N LYS A 134 -13.93 -30.54 12.53
CA LYS A 134 -14.71 -29.82 11.52
C LYS A 134 -14.03 -29.86 10.15
N HIS A 135 -12.72 -29.65 10.10
CA HIS A 135 -12.00 -29.46 8.84
C HIS A 135 -11.18 -30.67 8.40
N HIS A 136 -10.90 -31.62 9.29
CA HIS A 136 -10.09 -32.79 8.97
C HIS A 136 -10.66 -34.02 9.68
N LYS A 137 -11.97 -34.20 9.56
CA LYS A 137 -12.65 -35.29 10.27
C LYS A 137 -12.07 -36.65 9.92
N ASP A 138 -11.78 -36.88 8.63
CA ASP A 138 -11.38 -38.21 8.19
C ASP A 138 -9.99 -38.63 8.68
N VAL A 139 -9.15 -37.69 9.11
CA VAL A 139 -7.78 -38.03 9.49
C VAL A 139 -7.37 -37.39 10.80
N ILE A 140 -8.34 -37.05 11.65
CA ILE A 140 -8.02 -36.40 12.92
C ILE A 140 -7.07 -37.27 13.74
N GLN A 141 -7.51 -38.49 14.09
CA GLN A 141 -6.72 -39.40 14.91
C GLN A 141 -5.66 -40.19 14.15
N ASP A 142 -5.63 -40.13 12.82
CA ASP A 142 -4.72 -40.97 12.05
C ASP A 142 -3.48 -40.25 11.54
N TYR A 143 -3.40 -38.93 11.68
CA TYR A 143 -2.30 -38.17 11.10
C TYR A 143 -1.29 -37.74 12.16
N LYS A 144 -0.01 -37.78 11.78
CA LYS A 144 1.07 -37.30 12.63
C LYS A 144 1.16 -35.79 12.39
N TRP A 145 0.29 -35.06 13.08
CA TRP A 145 0.20 -33.62 12.89
C TRP A 145 1.38 -32.92 13.54
N LYS A 146 1.98 -31.97 12.82
CA LYS A 146 2.93 -31.02 13.37
C LYS A 146 2.23 -29.68 13.55
N MET A 147 2.41 -29.06 14.72
CA MET A 147 1.76 -27.81 15.05
C MET A 147 2.80 -26.77 15.45
N GLY A 148 2.67 -25.57 14.91
CA GLY A 148 3.42 -24.42 15.38
C GLY A 148 2.55 -23.59 16.30
N PHE A 149 3.13 -23.17 17.43
CA PHE A 149 2.39 -22.51 18.49
C PHE A 149 2.82 -21.05 18.55
N THR A 150 1.92 -20.14 18.15
CA THR A 150 2.14 -18.70 18.29
C THR A 150 1.60 -18.26 19.64
N PHE A 151 2.49 -17.82 20.52
CA PHE A 151 2.17 -17.46 21.89
C PHE A 151 2.60 -15.99 22.05
N SER A 152 1.62 -15.09 22.04
CA SER A 152 1.89 -13.66 21.96
C SER A 152 2.16 -13.07 23.34
N TYR A 153 3.15 -13.65 24.02
CA TYR A 153 3.56 -13.20 25.35
C TYR A 153 5.05 -13.40 25.51
N PRO A 154 5.70 -12.62 26.37
CA PRO A 154 7.16 -12.76 26.51
C PRO A 154 7.52 -14.12 27.08
N VAL A 155 8.37 -14.84 26.36
CA VAL A 155 8.79 -16.18 26.71
C VAL A 155 10.30 -16.25 26.74
N ASP A 156 10.85 -16.88 27.78
CA ASP A 156 12.29 -17.10 27.89
C ASP A 156 12.65 -18.28 26.98
N GLN A 157 12.71 -17.98 25.68
CA GLN A 157 12.93 -19.02 24.68
C GLN A 157 14.28 -19.69 24.89
N THR A 158 14.27 -21.03 24.92
CA THR A 158 15.49 -21.82 25.03
C THR A 158 15.79 -22.64 23.78
N SER A 159 14.78 -22.91 22.95
CA SER A 159 14.98 -23.50 21.64
C SER A 159 13.76 -23.13 20.80
N LEU A 160 13.73 -23.63 19.57
CA LEU A 160 12.59 -23.35 18.70
C LEU A 160 11.29 -23.92 19.27
N SER A 161 11.37 -24.95 20.12
CA SER A 161 10.20 -25.64 20.63
C SER A 161 10.06 -25.55 22.15
N SER A 162 10.82 -24.69 22.82
CA SER A 162 10.78 -24.63 24.27
C SER A 162 10.98 -23.19 24.74
N GLY A 163 10.32 -22.86 25.85
CA GLY A 163 10.44 -21.55 26.44
C GLY A 163 9.43 -21.37 27.56
N LYS A 164 9.84 -20.71 28.63
CA LYS A 164 9.00 -20.54 29.81
C LYS A 164 8.40 -19.14 29.83
N LEU A 165 7.12 -19.05 30.19
CA LEU A 165 6.45 -17.77 30.28
C LEU A 165 7.17 -16.88 31.29
N ILE A 166 7.58 -15.69 30.85
CA ILE A 166 8.22 -14.75 31.75
C ILE A 166 7.18 -14.05 32.62
N ARG A 167 6.18 -13.45 32.00
CA ARG A 167 5.09 -12.84 32.74
C ARG A 167 3.93 -12.59 31.80
N TRP A 168 2.72 -12.66 32.33
CA TRP A 168 1.56 -12.30 31.53
C TRP A 168 1.55 -10.80 31.27
N THR A 169 0.89 -10.43 30.19
N THR A 169 0.86 -10.40 30.20
CA THR A 169 0.62 -9.05 29.83
CA THR A 169 0.96 -9.00 29.77
C THR A 169 -0.85 -8.94 29.45
C THR A 169 -0.36 -8.35 29.37
N LYS A 170 -1.27 -7.75 29.09
N LYS A 170 -1.33 -9.09 28.83
CA LYS A 170 -2.65 -7.54 28.61
CA LYS A 170 -2.50 -8.48 28.20
C LYS A 170 -3.60 -7.99 29.73
C LYS A 170 -3.78 -9.05 28.80
N GLY A 171 -4.81 -8.42 29.37
N GLY A 171 -4.35 -8.34 29.78
CA GLY A 171 -5.81 -8.76 30.36
CA GLY A 171 -5.72 -8.53 30.19
C GLY A 171 -5.76 -10.19 30.84
C GLY A 171 -5.98 -9.72 31.08
N PHE A 172 -4.57 -10.71 31.10
N PHE A 172 -5.04 -10.64 31.25
CA PHE A 172 -4.36 -12.11 31.46
CA PHE A 172 -5.26 -11.72 32.21
C PHE A 172 -3.65 -12.18 32.80
C PHE A 172 -3.94 -12.11 32.85
N LYS A 173 -3.99 -13.19 33.62
CA LYS A 173 -3.13 -13.45 34.77
C LYS A 173 -3.46 -14.84 35.34
N ILE A 174 -2.63 -15.81 34.99
CA ILE A 174 -2.74 -17.18 35.50
C ILE A 174 -1.40 -17.46 36.16
N GLY A 175 -1.38 -17.40 37.49
CA GLY A 175 -0.12 -17.34 38.21
C GLY A 175 0.76 -18.56 38.00
N ASP A 176 0.16 -19.75 37.90
CA ASP A 176 0.96 -20.97 37.84
C ASP A 176 1.54 -21.21 36.45
N THR A 177 1.18 -20.39 35.45
CA THR A 177 1.82 -20.49 34.15
C THR A 177 3.19 -19.85 34.14
N VAL A 178 3.39 -18.81 34.95
CA VAL A 178 4.66 -18.10 34.97
C VAL A 178 5.77 -19.08 35.34
N GLY A 179 6.84 -19.06 34.56
CA GLY A 179 7.97 -19.95 34.78
C GLY A 179 7.79 -21.34 34.25
N GLN A 180 6.71 -21.61 33.51
CA GLN A 180 6.42 -22.93 32.99
C GLN A 180 6.57 -22.94 31.47
N ASP A 181 7.03 -24.07 30.94
CA ASP A 181 7.16 -24.23 29.50
C ASP A 181 5.77 -24.36 28.89
N VAL A 182 5.36 -23.35 28.11
CA VAL A 182 4.01 -23.32 27.58
C VAL A 182 3.79 -24.39 26.51
N VAL A 183 4.87 -24.86 25.87
CA VAL A 183 4.72 -25.95 24.91
C VAL A 183 4.37 -27.25 25.62
N GLN A 184 5.02 -27.52 26.76
CA GLN A 184 4.70 -28.72 27.52
C GLN A 184 3.29 -28.65 28.11
N LEU A 185 2.92 -27.48 28.65
CA LEU A 185 1.56 -27.32 29.16
C LEU A 185 0.52 -27.58 28.08
N PHE A 186 0.75 -27.04 26.88
CA PHE A 186 -0.19 -27.27 25.77
C PHE A 186 -0.14 -28.72 25.33
N GLN A 187 1.07 -29.26 25.15
CA GLN A 187 1.20 -30.64 24.69
C GLN A 187 0.54 -31.62 25.65
N GLN A 188 0.68 -31.40 26.95
CA GLN A 188 0.11 -32.32 27.92
C GLN A 188 -1.42 -32.38 27.78
N GLU A 189 -2.06 -31.24 27.56
CA GLU A 189 -3.51 -31.22 27.44
C GLU A 189 -3.97 -31.84 26.11
N LEU A 190 -3.19 -31.64 25.05
CA LEU A 190 -3.48 -32.35 23.80
C LEU A 190 -3.40 -33.85 24.00
N ASN A 191 -2.39 -34.31 24.74
CA ASN A 191 -2.28 -35.74 25.03
C ASN A 191 -3.50 -36.26 25.78
N ASP A 192 -4.02 -35.46 26.70
CA ASP A 192 -5.10 -35.93 27.59
C ASP A 192 -6.44 -36.09 26.87
N ILE A 193 -6.61 -35.54 25.67
CA ILE A 193 -7.88 -35.65 24.96
C ILE A 193 -7.70 -36.47 23.69
N GLY A 194 -6.71 -37.37 23.68
CA GLY A 194 -6.49 -38.26 22.56
C GLY A 194 -5.77 -37.66 21.39
N LEU A 195 -5.28 -36.43 21.50
CA LEU A 195 -4.54 -35.77 20.42
C LEU A 195 -3.03 -35.82 20.65
N SER A 196 -2.53 -36.93 21.18
CA SER A 196 -1.09 -37.11 21.30
C SER A 196 -0.40 -37.17 19.95
N ASN A 197 -1.14 -37.49 18.89
CA ASN A 197 -0.60 -37.47 17.54
C ASN A 197 -0.36 -36.05 17.02
N VAL A 198 -0.82 -35.03 17.74
CA VAL A 198 -0.55 -33.64 17.41
C VAL A 198 0.66 -33.21 18.23
N HIS A 199 1.78 -32.92 17.55
CA HIS A 199 3.03 -32.55 18.21
C HIS A 199 3.27 -31.06 18.01
N VAL A 200 3.32 -30.32 19.11
CA VAL A 200 3.69 -28.90 19.10
C VAL A 200 5.22 -28.86 18.98
N VAL A 201 5.71 -28.55 17.78
CA VAL A 201 7.13 -28.65 17.46
C VAL A 201 7.79 -27.29 17.32
N ALA A 202 7.04 -26.19 17.49
CA ALA A 202 7.61 -24.86 17.35
C ALA A 202 6.84 -23.90 18.25
N LEU A 203 7.56 -22.90 18.76
CA LEU A 203 6.99 -21.86 19.61
C LEU A 203 7.53 -20.52 19.12
N THR A 204 6.62 -19.62 18.73
CA THR A 204 7.00 -18.33 18.20
C THR A 204 6.16 -17.24 18.84
N ASN A 205 6.78 -16.07 18.99
CA ASN A 205 6.04 -14.87 19.35
C ASN A 205 5.28 -14.37 18.12
N ASP A 206 4.22 -13.59 18.36
CA ASP A 206 3.41 -13.13 17.23
C ASP A 206 4.19 -12.18 16.33
N THR A 207 5.20 -11.48 16.88
CA THR A 207 6.08 -10.68 16.04
C THR A 207 6.88 -11.57 15.10
N THR A 208 7.53 -12.61 15.65
CA THR A 208 8.32 -13.52 14.82
C THR A 208 7.49 -14.12 13.71
N GLY A 209 6.28 -14.58 14.03
CA GLY A 209 5.43 -15.16 13.01
C GLY A 209 5.07 -14.17 11.91
N THR A 210 4.85 -12.91 12.28
CA THR A 210 4.51 -11.90 11.29
C THR A 210 5.64 -11.70 10.29
N LEU A 211 6.88 -11.64 10.78
CA LEU A 211 8.02 -11.45 9.89
C LEU A 211 8.18 -12.62 8.94
N LEU A 212 8.09 -13.84 9.47
CA LEU A 212 8.23 -15.02 8.63
C LEU A 212 7.15 -15.06 7.55
N ALA A 213 5.90 -14.77 7.93
CA ALA A 213 4.81 -14.82 6.97
C ALA A 213 5.03 -13.83 5.83
N ARG A 214 5.57 -12.65 6.14
CA ARG A 214 5.82 -11.67 5.09
C ARG A 214 6.98 -12.09 4.20
N CYS A 215 8.01 -12.69 4.77
CA CYS A 215 9.12 -13.18 3.96
C CYS A 215 8.64 -14.24 2.98
N TYR A 216 7.71 -15.11 3.41
CA TYR A 216 7.22 -16.16 2.53
C TYR A 216 6.27 -15.61 1.47
N ALA A 217 5.37 -14.71 1.86
CA ALA A 217 4.31 -14.25 0.97
C ALA A 217 4.79 -13.19 -0.01
N SER A 218 5.82 -12.43 0.35
CA SER A 218 6.28 -11.36 -0.53
C SER A 218 6.73 -11.93 -1.86
N SER A 219 6.11 -11.46 -2.94
CA SER A 219 6.42 -11.97 -4.27
C SER A 219 7.89 -11.72 -4.63
N ASP A 220 8.34 -12.43 -5.66
CA ASP A 220 9.72 -12.26 -6.12
C ASP A 220 9.98 -10.82 -6.56
N ALA A 221 9.03 -10.21 -7.28
CA ALA A 221 9.21 -8.83 -7.73
C ALA A 221 9.21 -7.87 -6.55
N ALA A 222 8.24 -8.00 -5.65
CA ALA A 222 8.19 -7.13 -4.48
C ALA A 222 9.39 -7.37 -3.57
N ARG A 223 9.71 -8.65 -3.31
CA ARG A 223 10.85 -8.98 -2.48
C ARG A 223 12.14 -8.40 -3.04
N ALA A 224 12.22 -8.24 -4.37
CA ALA A 224 13.45 -7.73 -4.99
C ALA A 224 13.78 -6.33 -4.50
N ILE A 225 12.76 -5.48 -4.36
CA ILE A 225 12.95 -4.08 -3.95
C ILE A 225 12.31 -3.79 -2.60
N ASN A 226 11.77 -4.81 -1.93
CA ASN A 226 11.19 -4.65 -0.60
C ASN A 226 11.66 -5.84 0.25
N GLU A 227 12.65 -5.60 1.10
CA GLU A 227 13.16 -6.64 1.98
C GLU A 227 12.46 -6.54 3.32
N PRO A 228 11.65 -7.51 3.73
CA PRO A 228 11.04 -7.47 5.08
C PRO A 228 12.12 -7.58 6.15
N VAL A 229 12.22 -6.54 6.99
CA VAL A 229 13.22 -6.50 8.03
C VAL A 229 12.63 -6.48 9.43
N ILE A 230 11.36 -6.14 9.59
CA ILE A 230 10.74 -6.07 10.90
C ILE A 230 9.34 -6.67 10.83
N GLY A 231 9.03 -7.55 11.77
CA GLY A 231 7.66 -7.95 12.03
C GLY A 231 7.23 -7.36 13.36
N CYS A 232 6.15 -6.57 13.36
CA CYS A 232 5.73 -5.86 14.56
C CYS A 232 4.23 -5.89 14.71
N ILE A 233 3.77 -5.55 15.91
CA ILE A 233 2.38 -5.67 16.30
C ILE A 233 1.93 -4.35 16.93
N PHE A 234 0.73 -3.91 16.55
CA PHE A 234 0.07 -2.77 17.19
C PHE A 234 -1.40 -3.16 17.34
N GLY A 235 -1.69 -3.96 18.36
CA GLY A 235 -3.04 -4.39 18.65
C GLY A 235 -3.36 -4.17 20.12
N THR A 236 -3.73 -5.23 20.84
CA THR A 236 -3.90 -5.11 22.27
C THR A 236 -2.60 -4.68 22.93
N GLY A 237 -1.49 -5.32 22.55
CA GLY A 237 -0.17 -4.89 22.92
C GLY A 237 0.62 -4.45 21.69
N THR A 238 1.88 -4.11 21.93
CA THR A 238 2.77 -3.70 20.87
C THR A 238 4.14 -4.33 21.08
N ASN A 239 4.79 -4.70 19.97
CA ASN A 239 6.06 -5.39 20.02
C ASN A 239 6.56 -5.51 18.59
N GLY A 240 7.84 -5.87 18.45
CA GLY A 240 8.42 -6.09 17.14
C GLY A 240 9.69 -6.90 17.23
N CYS A 241 10.02 -7.55 16.12
CA CYS A 241 11.22 -8.37 16.03
C CYS A 241 12.04 -7.94 14.81
N TYR A 242 13.29 -8.39 14.78
CA TYR A 242 14.21 -8.08 13.70
C TYR A 242 15.31 -9.13 13.70
N MET A 243 16.11 -9.12 12.64
CA MET A 243 17.22 -10.07 12.49
C MET A 243 18.51 -9.41 12.97
N GLU A 244 19.11 -9.99 14.01
CA GLU A 244 20.36 -9.49 14.57
C GLU A 244 21.52 -10.42 14.21
N LYS A 245 22.69 -9.84 13.98
CA LYS A 245 23.88 -10.63 13.71
C LYS A 245 24.19 -11.53 14.90
N LEU A 246 24.48 -12.81 14.62
CA LEU A 246 24.80 -13.74 15.69
C LEU A 246 25.93 -13.21 16.58
N GLU A 247 26.88 -12.47 16.00
CA GLU A 247 28.03 -11.99 16.76
C GLU A 247 27.60 -10.98 17.82
N ASN A 248 26.51 -10.26 17.59
CA ASN A 248 26.05 -9.24 18.52
C ASN A 248 25.17 -9.79 19.65
N ILE A 249 24.72 -11.04 19.53
CA ILE A 249 23.85 -11.65 20.53
C ILE A 249 24.72 -12.26 21.63
N HIS A 250 25.32 -11.39 22.45
CA HIS A 250 26.31 -11.86 23.42
C HIS A 250 25.71 -12.75 24.49
N LYS A 251 24.43 -12.55 24.82
CA LYS A 251 23.78 -13.42 25.81
C LYS A 251 23.66 -14.85 25.32
N LEU A 252 23.86 -15.09 24.03
CA LEU A 252 23.79 -16.43 23.47
C LEU A 252 25.07 -17.20 23.79
N ASP A 253 24.92 -18.46 24.18
CA ASP A 253 26.04 -19.31 24.53
C ASP A 253 27.09 -19.29 23.41
N PRO A 254 28.34 -18.93 23.70
CA PRO A 254 29.34 -18.84 22.62
C PRO A 254 29.47 -20.12 21.80
N ALA A 255 29.28 -21.29 22.40
CA ALA A 255 29.36 -22.53 21.63
C ALA A 255 28.21 -22.62 20.63
N SER A 256 27.01 -22.21 21.04
CA SER A 256 25.88 -22.21 20.11
C SER A 256 26.10 -21.22 18.97
N ARG A 257 26.66 -20.05 19.27
CA ARG A 257 26.95 -19.08 18.21
C ARG A 257 27.92 -19.66 17.20
N GLU A 258 29.01 -20.28 17.67
CA GLU A 258 29.98 -20.85 16.74
C GLU A 258 29.38 -22.00 15.94
N GLU A 259 28.58 -22.84 16.59
CA GLU A 259 27.90 -23.91 15.86
C GLU A 259 27.02 -23.36 14.76
N LEU A 260 26.17 -22.37 15.08
CA LEU A 260 25.29 -21.79 14.07
C LEU A 260 26.10 -21.15 12.95
N LEU A 261 27.16 -20.41 13.30
CA LEU A 261 27.98 -19.78 12.28
C LEU A 261 28.60 -20.82 11.35
N SER A 262 29.11 -21.93 11.91
CA SER A 262 29.71 -22.96 11.07
C SER A 262 28.67 -23.62 10.18
N GLN A 263 27.41 -23.62 10.60
CA GLN A 263 26.32 -24.14 9.77
C GLN A 263 25.94 -23.18 8.65
N GLY A 264 26.57 -22.02 8.55
CA GLY A 264 26.25 -21.04 7.55
C GLY A 264 25.27 -19.98 7.97
N LYS A 265 24.79 -20.01 9.21
CA LYS A 265 23.87 -18.99 9.70
C LYS A 265 24.64 -17.72 10.04
N THR A 266 23.96 -16.58 9.87
CA THR A 266 24.58 -15.28 10.14
C THR A 266 23.75 -14.45 11.11
N HIS A 267 22.43 -14.69 11.15
CA HIS A 267 21.53 -13.89 11.95
C HIS A 267 20.57 -14.78 12.72
N MET A 268 20.01 -14.22 13.79
CA MET A 268 18.90 -14.81 14.51
C MET A 268 17.86 -13.73 14.78
N CYS A 269 16.59 -14.10 14.64
CA CYS A 269 15.51 -13.17 14.92
C CYS A 269 15.45 -12.88 16.41
N ILE A 270 15.33 -11.59 16.75
CA ILE A 270 15.27 -11.13 18.14
C ILE A 270 13.86 -10.61 18.41
N ASN A 271 13.21 -11.17 19.42
CA ASN A 271 11.96 -10.63 19.94
C ASN A 271 12.33 -9.55 20.95
N THR A 272 12.21 -8.28 20.55
CA THR A 272 12.67 -7.19 21.39
C THR A 272 11.80 -7.00 22.63
N GLU A 273 10.51 -7.33 22.54
CA GLU A 273 9.54 -6.98 23.58
C GLU A 273 9.60 -5.48 23.86
N TRP A 274 9.49 -4.68 22.80
CA TRP A 274 9.68 -3.25 22.98
C TRP A 274 8.53 -2.59 23.72
N GLY A 275 7.48 -3.34 24.07
CA GLY A 275 6.52 -2.83 25.03
C GLY A 275 7.16 -2.50 26.36
N SER A 276 8.26 -3.18 26.70
CA SER A 276 9.01 -2.94 27.92
C SER A 276 10.19 -2.01 27.70
N PHE A 277 10.11 -1.14 26.69
CA PHE A 277 11.16 -0.16 26.47
C PHE A 277 11.11 0.90 27.57
N ASP A 278 12.25 1.13 28.22
CA ASP A 278 12.42 2.17 29.23
C ASP A 278 11.38 2.03 30.35
N ASN A 279 11.41 0.87 31.01
CA ASN A 279 10.52 0.64 32.15
C ASN A 279 10.82 1.57 33.32
N GLU A 280 12.03 2.13 33.39
CA GLU A 280 12.37 3.06 34.46
C GLU A 280 11.90 4.49 34.18
N LEU A 281 11.42 4.77 32.97
CA LEU A 281 10.95 6.10 32.59
C LEU A 281 12.07 7.13 32.68
N ASN A 282 13.24 6.77 32.17
CA ASN A 282 14.33 7.74 32.08
C ASN A 282 14.04 8.82 31.05
N HIS A 283 13.23 8.52 30.03
CA HIS A 283 13.00 9.48 28.96
C HIS A 283 11.59 9.44 28.38
N LEU A 284 10.85 8.36 28.61
CA LEU A 284 9.54 8.23 27.99
C LEU A 284 8.63 9.37 28.45
N PRO A 285 7.89 10.01 27.53
CA PRO A 285 6.88 10.98 27.97
C PRO A 285 5.93 10.35 28.98
N THR A 286 5.69 11.08 30.08
CA THR A 286 4.90 10.56 31.18
C THR A 286 3.97 11.63 31.70
N THR A 287 2.71 11.26 31.92
CA THR A 287 1.72 12.12 32.56
C THR A 287 1.22 11.42 33.82
N SER A 288 0.53 12.19 34.66
CA SER A 288 -0.07 11.60 35.85
C SER A 288 -1.02 10.47 35.47
N TYR A 289 -1.69 10.57 34.32
CA TYR A 289 -2.60 9.52 33.89
C TYR A 289 -1.84 8.23 33.60
N ASP A 290 -0.66 8.34 32.98
CA ASP A 290 0.14 7.15 32.71
C ASP A 290 0.61 6.49 34.00
N ILE A 291 1.03 7.29 34.98
CA ILE A 291 1.47 6.73 36.26
C ILE A 291 0.32 6.02 36.96
N LYS A 292 -0.85 6.65 36.98
CA LYS A 292 -2.02 6.02 37.58
C LYS A 292 -2.34 4.69 36.92
N ILE A 293 -2.23 4.64 35.59
CA ILE A 293 -2.50 3.40 34.87
C ILE A 293 -1.46 2.34 35.21
N ASP A 294 -0.18 2.74 35.24
CA ASP A 294 0.87 1.77 35.51
C ASP A 294 0.78 1.22 36.93
N GLN A 295 0.52 2.10 37.90
CA GLN A 295 0.60 1.71 39.31
C GLN A 295 -0.71 1.14 39.86
N GLN A 296 -1.86 1.61 39.39
CA GLN A 296 -3.13 1.20 39.97
C GLN A 296 -3.92 0.21 39.13
N PHE A 297 -4.00 0.40 37.81
CA PHE A 297 -4.94 -0.35 37.00
C PHE A 297 -4.32 -1.43 36.12
N SER A 298 -3.00 -1.52 36.04
CA SER A 298 -2.38 -2.48 35.14
C SER A 298 -2.05 -3.78 35.86
N THR A 299 -2.06 -4.88 35.10
CA THR A 299 -1.73 -6.19 35.67
C THR A 299 -0.25 -6.35 35.95
N ASN A 300 0.61 -5.58 35.28
CA ASN A 300 2.07 -5.72 35.39
C ASN A 300 2.69 -4.37 35.75
N PRO A 301 2.41 -3.87 36.95
CA PRO A 301 2.98 -2.56 37.34
C PRO A 301 4.50 -2.59 37.31
N GLY A 302 5.08 -1.53 36.74
CA GLY A 302 6.51 -1.41 36.62
C GLY A 302 7.10 -2.00 35.35
N PHE A 303 6.29 -2.68 34.54
CA PHE A 303 6.73 -3.30 33.30
C PHE A 303 5.83 -2.86 32.15
N HIS A 304 6.37 -2.98 30.94
CA HIS A 304 5.63 -2.68 29.72
C HIS A 304 5.08 -1.25 29.75
N LEU A 305 5.94 -0.30 30.09
CA LEU A 305 5.49 1.08 30.20
C LEU A 305 5.39 1.76 28.83
N PHE A 306 6.28 1.42 27.89
CA PHE A 306 6.12 1.91 26.53
C PHE A 306 4.79 1.46 25.95
N GLU A 307 4.45 0.19 26.14
CA GLU A 307 3.19 -0.33 25.64
C GLU A 307 2.00 0.43 26.23
N LYS A 308 2.10 0.84 27.50
CA LYS A 308 0.99 1.50 28.16
C LYS A 308 0.72 2.90 27.63
N ARG A 309 1.61 3.44 26.81
CA ARG A 309 1.39 4.72 26.14
C ARG A 309 1.00 4.56 24.68
N VAL A 310 0.99 3.33 24.16
CA VAL A 310 0.92 3.10 22.73
C VAL A 310 -0.21 2.16 22.33
N SER A 311 -0.30 1.01 22.99
CA SER A 311 -1.12 -0.08 22.48
C SER A 311 -2.61 0.13 22.80
N GLY A 312 -3.45 -0.67 22.13
CA GLY A 312 -4.88 -0.46 22.18
C GLY A 312 -5.51 -0.79 23.51
N LEU A 313 -4.87 -1.62 24.33
CA LEU A 313 -5.43 -1.95 25.62
C LEU A 313 -5.52 -0.73 26.53
N TYR A 314 -4.69 0.29 26.29
CA TYR A 314 -4.49 1.37 27.24
C TYR A 314 -4.90 2.75 26.76
N LEU A 315 -5.07 2.96 25.46
CA LEU A 315 -5.37 4.30 24.98
C LEU A 315 -6.71 4.80 25.49
N GLY A 316 -7.73 3.93 25.48
CA GLY A 316 -9.02 4.32 26.04
C GLY A 316 -8.94 4.58 27.53
N GLU A 317 -8.17 3.78 28.25
CA GLU A 317 -8.03 3.97 29.69
C GLU A 317 -7.36 5.30 30.01
N ILE A 318 -6.52 5.82 29.11
CA ILE A 318 -5.93 7.14 29.32
C ILE A 318 -7.03 8.20 29.29
N LEU A 319 -7.93 8.11 28.32
CA LEU A 319 -9.02 9.07 28.23
C LEU A 319 -9.89 9.03 29.48
N ARG A 320 -10.17 7.82 29.98
CA ARG A 320 -11.00 7.70 31.18
C ARG A 320 -10.37 8.46 32.35
N ASN A 321 -9.07 8.28 32.57
CA ASN A 321 -8.41 8.96 33.67
C ASN A 321 -8.36 10.47 33.47
N ILE A 322 -8.36 10.94 32.22
CA ILE A 322 -8.40 12.38 31.98
C ILE A 322 -9.76 12.94 32.33
N LEU A 323 -10.84 12.25 31.93
CA LEU A 323 -12.18 12.74 32.23
C LEU A 323 -12.46 12.70 33.72
N LEU A 324 -11.98 11.67 34.42
CA LEU A 324 -12.13 11.63 35.87
C LEU A 324 -11.40 12.79 36.52
N ASP A 325 -10.19 13.10 36.03
CA ASP A 325 -9.46 14.25 36.56
C ASP A 325 -10.21 15.55 36.32
N LEU A 326 -10.82 15.70 35.14
CA LEU A 326 -11.57 16.91 34.84
C LEU A 326 -12.85 17.01 35.65
N GLU A 327 -13.40 15.90 36.12
CA GLU A 327 -14.59 15.95 36.97
C GLU A 327 -14.22 16.36 38.40
N LYS A 328 -13.17 15.76 38.95
CA LYS A 328 -12.68 16.18 40.27
C LYS A 328 -12.43 17.69 40.28
N GLN A 329 -11.94 18.23 39.18
CA GLN A 329 -11.74 19.67 39.05
C GLN A 329 -13.04 20.43 38.87
N GLU A 330 -14.18 19.73 38.79
CA GLU A 330 -15.48 20.36 38.60
C GLU A 330 -15.58 21.06 37.24
N LEU A 331 -14.82 20.58 36.26
CA LEU A 331 -14.82 21.16 34.92
C LEU A 331 -15.60 20.35 33.91
N PHE A 332 -15.73 19.03 34.12
CA PHE A 332 -16.44 18.16 33.19
C PHE A 332 -17.52 17.40 33.95
N ASP A 333 -18.73 17.40 33.41
CA ASP A 333 -19.86 16.73 34.03
C ASP A 333 -19.97 15.31 33.48
N LEU A 334 -19.63 14.33 34.29
CA LEU A 334 -19.77 12.93 33.91
C LEU A 334 -21.21 12.43 34.01
N LYS A 335 -22.11 13.23 34.59
CA LYS A 335 -23.55 12.95 34.60
C LYS A 335 -23.76 11.57 35.22
N GLU A 336 -24.56 10.69 34.62
CA GLU A 336 -24.83 9.36 35.14
C GLU A 336 -24.02 8.29 34.41
N SER A 337 -22.79 8.61 34.04
CA SER A 337 -21.94 7.65 33.37
C SER A 337 -21.43 6.60 34.37
N VAL A 338 -20.79 5.56 33.82
CA VAL A 338 -20.30 4.46 34.63
C VAL A 338 -18.78 4.37 34.46
N LEU A 339 -18.14 5.52 34.19
CA LEU A 339 -16.70 5.53 34.02
C LEU A 339 -15.99 5.24 35.34
N LYS A 340 -16.43 5.89 36.41
CA LYS A 340 -15.77 5.75 37.69
C LYS A 340 -15.81 4.29 38.16
N ASN A 341 -14.70 3.83 38.71
CA ASN A 341 -14.58 2.49 39.29
C ASN A 341 -14.73 1.38 38.25
N ASN A 342 -14.54 1.68 36.97
CA ASN A 342 -14.61 0.69 35.90
C ASN A 342 -13.38 0.84 35.00
N PRO A 343 -12.21 0.43 35.48
CA PRO A 343 -11.02 0.50 34.63
C PRO A 343 -11.22 -0.22 33.31
N PHE A 344 -10.73 0.40 32.23
CA PHE A 344 -10.73 -0.17 30.90
C PHE A 344 -12.13 -0.30 30.30
N ILE A 345 -13.10 0.45 30.82
CA ILE A 345 -14.42 0.42 30.21
C ILE A 345 -14.44 1.23 28.92
N LEU A 346 -13.59 2.25 28.82
CA LEU A 346 -13.37 2.96 27.56
C LEU A 346 -12.26 2.23 26.79
N THR A 347 -12.61 1.74 25.60
CA THR A 347 -11.70 0.96 24.78
C THR A 347 -11.15 1.82 23.65
N THR A 348 -10.04 1.34 23.06
CA THR A 348 -9.54 1.97 21.85
C THR A 348 -10.53 1.86 20.72
N GLU A 349 -11.36 0.82 20.72
CA GLU A 349 -12.43 0.72 19.74
C GLU A 349 -13.40 1.89 19.88
N THR A 350 -13.68 2.30 21.10
CA THR A 350 -14.48 3.51 21.31
C THR A 350 -13.79 4.73 20.72
N LEU A 351 -12.49 4.87 20.99
CA LEU A 351 -11.75 6.02 20.48
C LEU A 351 -11.68 6.00 18.96
N SER A 352 -11.63 4.83 18.34
CA SER A 352 -11.53 4.76 16.89
C SER A 352 -12.74 5.40 16.21
N HIS A 353 -13.89 5.42 16.89
CA HIS A 353 -15.08 6.08 16.37
C HIS A 353 -15.06 7.58 16.60
N ILE A 354 -14.11 8.09 17.38
CA ILE A 354 -14.02 9.51 17.70
C ILE A 354 -12.96 10.17 16.84
N GLU A 355 -11.90 9.42 16.52
CA GLU A 355 -10.72 9.99 15.88
C GLU A 355 -11.09 10.83 14.66
N ILE A 356 -11.85 10.28 13.74
CA ILE A 356 -12.22 11.01 12.52
C ILE A 356 -13.73 11.28 12.46
N ASP A 357 -14.41 11.27 13.60
CA ASP A 357 -15.77 11.80 13.63
C ASP A 357 -15.74 13.28 13.26
N THR A 358 -16.81 13.76 12.65
CA THR A 358 -16.85 15.10 12.09
C THR A 358 -17.91 15.95 12.78
N VAL A 359 -17.59 17.24 12.93
CA VAL A 359 -18.56 18.18 13.49
C VAL A 359 -19.70 18.47 12.53
N GLU A 360 -19.50 18.26 11.23
CA GLU A 360 -20.60 18.43 10.28
C GLU A 360 -21.80 17.57 10.66
N ASN A 361 -21.57 16.44 11.32
CA ASN A 361 -22.63 15.58 11.83
C ASN A 361 -22.85 15.76 13.33
N ASP A 362 -22.40 16.88 13.88
CA ASP A 362 -22.51 17.16 15.31
C ASP A 362 -21.89 16.05 16.16
N LEU A 363 -20.89 15.37 15.61
CA LEU A 363 -20.16 14.32 16.31
C LEU A 363 -21.12 13.30 16.92
N GLN A 364 -22.06 12.82 16.09
CA GLN A 364 -23.05 11.88 16.60
C GLN A 364 -22.43 10.52 16.87
N ASP A 365 -21.47 10.10 16.05
CA ASP A 365 -20.79 8.82 16.31
C ASP A 365 -20.09 8.84 17.66
N THR A 366 -19.43 9.95 17.98
CA THR A 366 -18.83 10.08 19.30
C THR A 366 -19.88 9.98 20.40
N ARG A 367 -21.04 10.63 20.20
CA ARG A 367 -22.10 10.55 21.19
C ARG A 367 -22.57 9.11 21.40
N ASP A 368 -22.84 8.41 20.29
CA ASP A 368 -23.32 7.03 20.41
C ASP A 368 -22.26 6.13 21.04
N ALA A 369 -21.00 6.31 20.64
CA ALA A 369 -19.93 5.46 21.17
C ALA A 369 -19.79 5.65 22.68
N LEU A 370 -19.90 6.89 23.15
CA LEU A 370 -19.76 7.15 24.58
C LEU A 370 -20.96 6.63 25.37
N LEU A 371 -22.15 6.72 24.80
CA LEU A 371 -23.33 6.14 25.45
C LEU A 371 -23.24 4.62 25.48
N LYS A 372 -22.84 4.00 24.37
CA LYS A 372 -22.72 2.56 24.32
C LYS A 372 -21.63 2.05 25.26
N ALA A 373 -20.56 2.82 25.45
CA ALA A 373 -19.43 2.34 26.22
C ALA A 373 -19.67 2.47 27.73
N ALA A 374 -20.14 3.64 28.17
CA ALA A 374 -20.26 3.89 29.60
C ALA A 374 -21.47 4.77 29.94
N ASP A 375 -22.49 4.78 29.09
CA ASP A 375 -23.71 5.53 29.34
C ASP A 375 -23.39 6.99 29.68
N LEU A 376 -22.51 7.58 28.90
CA LEU A 376 -22.08 8.97 29.10
C LEU A 376 -22.77 9.84 28.07
N GLU A 377 -23.82 10.55 28.49
CA GLU A 377 -24.42 11.56 27.65
C GLU A 377 -23.49 12.76 27.55
N THR A 378 -23.53 13.42 26.39
CA THR A 378 -22.61 14.52 26.12
C THR A 378 -23.32 15.62 25.34
N THR A 379 -22.84 16.84 25.51
CA THR A 379 -23.20 17.95 24.65
C THR A 379 -22.22 18.04 23.49
N PHE A 380 -22.61 18.80 22.46
CA PHE A 380 -21.73 18.96 21.32
C PHE A 380 -20.36 19.51 21.74
N GLU A 381 -20.34 20.51 22.61
CA GLU A 381 -19.07 21.08 23.04
C GLU A 381 -18.22 20.04 23.77
N GLU A 382 -18.85 19.23 24.61
CA GLU A 382 -18.11 18.19 25.32
C GLU A 382 -17.50 17.19 24.35
N ARG A 383 -18.24 16.84 23.29
CA ARG A 383 -17.72 15.91 22.30
C ARG A 383 -16.57 16.53 21.52
N VAL A 384 -16.66 17.83 21.24
CA VAL A 384 -15.56 18.50 20.54
C VAL A 384 -14.28 18.41 21.37
N LEU A 385 -14.40 18.57 22.68
CA LEU A 385 -13.22 18.54 23.55
C LEU A 385 -12.73 17.12 23.77
N ILE A 386 -13.64 16.15 23.89
CA ILE A 386 -13.23 14.75 24.00
C ILE A 386 -12.48 14.34 22.74
N GLN A 387 -12.93 14.82 21.58
CA GLN A 387 -12.22 14.51 20.33
C GLN A 387 -10.80 15.05 20.37
N LYS A 388 -10.63 16.29 20.86
CA LYS A 388 -9.29 16.83 21.00
C LYS A 388 -8.42 15.95 21.89
N LEU A 389 -8.97 15.49 23.01
CA LEU A 389 -8.20 14.63 23.90
C LEU A 389 -7.85 13.32 23.22
N VAL A 390 -8.82 12.71 22.55
CA VAL A 390 -8.56 11.44 21.86
C VAL A 390 -7.44 11.62 20.84
N ARG A 391 -7.50 12.70 20.06
CA ARG A 391 -6.51 12.91 19.00
C ARG A 391 -5.12 13.15 19.58
N ALA A 392 -5.03 13.82 20.74
CA ALA A 392 -3.73 13.99 21.37
C ALA A 392 -3.19 12.66 21.90
N ILE A 393 -4.07 11.82 22.45
CA ILE A 393 -3.66 10.51 22.94
C ILE A 393 -3.16 9.64 21.81
N SER A 394 -3.92 9.58 20.71
CA SER A 394 -3.58 8.69 19.61
C SER A 394 -2.32 9.17 18.89
N ARG A 395 -2.15 10.49 18.75
CA ARG A 395 -0.96 11.01 18.09
C ARG A 395 0.30 10.67 18.88
N ARG A 396 0.25 10.81 20.21
CA ARG A 396 1.40 10.40 21.02
C ARG A 396 1.68 8.92 20.86
N ALA A 397 0.64 8.10 20.84
CA ALA A 397 0.83 6.66 20.67
C ALA A 397 1.52 6.35 19.34
N ALA A 398 1.10 7.01 18.27
CA ALA A 398 1.67 6.73 16.95
C ALA A 398 3.08 7.28 16.81
N PHE A 399 3.35 8.45 17.41
CA PHE A 399 4.70 9.00 17.33
C PHE A 399 5.70 8.12 18.09
N LEU A 400 5.32 7.67 19.29
CA LEU A 400 6.17 6.74 20.01
C LEU A 400 6.30 5.41 19.27
N ALA A 401 5.23 4.99 18.59
CA ALA A 401 5.26 3.72 17.88
C ALA A 401 6.34 3.68 16.81
N ALA A 402 6.70 4.83 16.26
CA ALA A 402 7.72 4.90 15.22
C ALA A 402 9.13 4.77 15.77
N VAL A 403 9.35 5.06 17.05
CA VAL A 403 10.68 5.12 17.63
C VAL A 403 11.37 3.77 17.52
N PRO A 404 10.80 2.67 18.02
CA PRO A 404 11.49 1.38 17.90
C PRO A 404 11.81 1.00 16.47
N ILE A 405 10.94 1.36 15.52
CA ILE A 405 11.19 1.02 14.13
C ILE A 405 12.38 1.81 13.59
N ALA A 406 12.39 3.12 13.80
CA ALA A 406 13.52 3.92 13.37
C ALA A 406 14.82 3.43 14.00
N ALA A 407 14.78 3.12 15.30
CA ALA A 407 15.97 2.67 16.00
C ALA A 407 16.51 1.38 15.38
N ILE A 408 15.63 0.40 15.14
CA ILE A 408 16.08 -0.87 14.57
C ILE A 408 16.69 -0.65 13.19
N LEU A 409 16.03 0.17 12.36
CA LEU A 409 16.56 0.41 11.02
C LEU A 409 17.93 1.07 11.08
N ILE A 410 18.14 1.95 12.06
CA ILE A 410 19.42 2.65 12.17
C ILE A 410 20.49 1.71 12.69
N LYS A 411 20.19 0.94 13.74
CA LYS A 411 21.18 0.06 14.33
C LYS A 411 21.68 -0.98 13.33
N THR A 412 20.76 -1.55 12.56
CA THR A 412 21.11 -2.61 11.61
C THR A 412 21.51 -2.08 10.24
N ASN A 413 21.58 -0.76 10.07
CA ASN A 413 21.93 -0.17 8.78
C ASN A 413 21.05 -0.73 7.67
N ALA A 414 19.74 -0.83 7.95
CA ALA A 414 18.84 -1.49 7.02
C ALA A 414 18.61 -0.66 5.77
N LEU A 415 18.64 0.67 5.89
CA LEU A 415 18.44 1.53 4.73
C LEU A 415 19.65 1.59 3.81
N ASN A 416 20.76 0.97 4.21
CA ASN A 416 21.94 0.84 3.33
C ASN A 416 21.77 -0.44 2.52
N GLN A 417 21.20 -0.31 1.34
CA GLN A 417 20.89 -1.46 0.49
C GLN A 417 21.23 -1.08 -0.95
N SER A 418 20.82 -1.93 -1.89
CA SER A 418 21.08 -1.71 -3.30
C SER A 418 20.13 -0.67 -3.89
N TYR A 419 20.37 -0.34 -5.15
CA TYR A 419 19.60 0.67 -5.85
C TYR A 419 18.11 0.33 -5.81
N HIS A 420 17.29 1.32 -5.43
CA HIS A 420 15.83 1.18 -5.41
C HIS A 420 15.33 0.28 -4.29
N CYS A 421 16.22 -0.44 -3.62
CA CYS A 421 15.75 -1.40 -2.63
C CYS A 421 15.27 -0.68 -1.38
N GLN A 422 14.05 -1.01 -0.95
CA GLN A 422 13.43 -0.46 0.23
C GLN A 422 13.22 -1.55 1.27
N VAL A 423 12.92 -1.14 2.50
CA VAL A 423 12.67 -2.06 3.61
C VAL A 423 11.17 -2.14 3.86
N GLU A 424 10.71 -3.35 4.17
CA GLU A 424 9.30 -3.59 4.48
C GLU A 424 9.18 -3.87 5.97
N VAL A 425 8.19 -3.24 6.61
CA VAL A 425 7.90 -3.45 8.03
C VAL A 425 6.53 -4.12 8.10
N GLY A 426 6.52 -5.42 8.38
CA GLY A 426 5.28 -6.15 8.48
C GLY A 426 4.54 -5.77 9.75
N CYS A 427 3.33 -5.23 9.62
CA CYS A 427 2.54 -4.73 10.73
C CYS A 427 1.24 -5.53 10.82
N ASP A 428 0.89 -5.93 12.03
CA ASP A 428 -0.40 -6.57 12.30
C ASP A 428 -0.95 -6.00 13.60
N GLY A 429 -2.24 -6.20 13.81
CA GLY A 429 -2.89 -5.67 14.99
C GLY A 429 -4.00 -4.70 14.67
N SER A 430 -5.00 -4.62 15.56
CA SER A 430 -6.20 -3.84 15.27
C SER A 430 -5.91 -2.34 15.20
N VAL A 431 -4.90 -1.85 15.92
CA VAL A 431 -4.66 -0.41 15.99
C VAL A 431 -4.03 0.08 14.69
N VAL A 432 -2.89 -0.49 14.31
CA VAL A 432 -2.23 -0.07 13.08
C VAL A 432 -3.10 -0.35 11.87
N GLU A 433 -3.90 -1.40 11.92
CA GLU A 433 -4.71 -1.79 10.77
C GLU A 433 -5.99 -0.95 10.67
N HIS A 434 -6.66 -0.71 11.79
CA HIS A 434 -8.01 -0.14 11.75
C HIS A 434 -8.17 1.20 12.45
N TYR A 435 -7.24 1.61 13.31
CA TYR A 435 -7.41 2.91 13.95
C TYR A 435 -7.11 4.01 12.93
N PRO A 436 -8.09 4.83 12.55
CA PRO A 436 -7.88 5.77 11.44
C PRO A 436 -6.76 6.76 11.73
N GLY A 437 -5.81 6.84 10.80
CA GLY A 437 -4.73 7.80 10.89
C GLY A 437 -3.52 7.34 11.67
N PHE A 438 -3.59 6.19 12.36
CA PHE A 438 -2.44 5.75 13.15
C PHE A 438 -1.23 5.52 12.26
N ARG A 439 -1.42 4.82 11.14
CA ARG A 439 -0.31 4.58 10.23
C ARG A 439 0.23 5.88 9.65
N SER A 440 -0.66 6.82 9.30
CA SER A 440 -0.20 8.09 8.76
C SER A 440 0.63 8.87 9.78
N MET A 441 0.26 8.80 11.04
CA MET A 441 1.00 9.53 12.08
C MET A 441 2.32 8.84 12.40
N MET A 442 2.37 7.51 12.35
CA MET A 442 3.64 6.82 12.46
C MET A 442 4.61 7.25 11.36
N ARG A 443 4.10 7.42 10.14
CA ARG A 443 4.97 7.82 9.03
C ARG A 443 5.50 9.23 9.23
N HIS A 444 4.64 10.14 9.72
CA HIS A 444 5.11 11.48 10.06
C HIS A 444 6.24 11.40 11.09
N ALA A 445 6.06 10.59 12.14
CA ALA A 445 7.08 10.47 13.16
C ALA A 445 8.37 9.88 12.61
N LEU A 446 8.26 8.90 11.71
CA LEU A 446 9.45 8.37 11.06
C LEU A 446 10.20 9.47 10.31
N ALA A 447 9.48 10.32 9.59
CA ALA A 447 10.12 11.42 8.87
C ALA A 447 10.80 12.38 9.83
N LEU A 448 10.26 12.56 11.04
CA LEU A 448 10.89 13.41 12.04
C LEU A 448 12.08 12.73 12.71
N SER A 449 12.17 11.40 12.64
CA SER A 449 13.25 10.67 13.32
C SER A 449 14.56 10.88 12.57
N PRO A 450 15.67 10.36 13.11
CA PRO A 450 16.97 10.55 12.45
C PRO A 450 17.05 9.98 11.04
N ILE A 451 16.19 9.05 10.64
CA ILE A 451 16.26 8.57 9.26
C ILE A 451 15.71 9.62 8.29
N GLY A 452 14.92 10.58 8.80
CA GLY A 452 14.49 11.70 8.00
C GLY A 452 13.41 11.36 7.01
N PRO A 453 12.92 12.37 6.29
CA PRO A 453 11.88 12.11 5.28
C PRO A 453 12.34 11.19 4.17
N GLU A 454 13.62 11.26 3.79
CA GLU A 454 14.11 10.35 2.76
C GLU A 454 14.16 8.91 3.28
N GLY A 455 14.42 8.73 4.58
CA GLY A 455 14.36 7.38 5.14
C GLY A 455 12.94 6.85 5.22
N GLU A 456 11.98 7.72 5.56
CA GLU A 456 10.60 7.28 5.67
C GLU A 456 10.06 6.81 4.32
N ARG A 457 10.47 7.45 3.22
CA ARG A 457 10.03 7.02 1.90
C ARG A 457 10.55 5.64 1.56
N ASP A 458 11.70 5.25 2.11
CA ASP A 458 12.23 3.90 1.91
C ASP A 458 11.63 2.87 2.85
N VAL A 459 10.69 3.27 3.70
CA VAL A 459 10.06 2.37 4.67
C VAL A 459 8.60 2.19 4.29
N HIS A 460 8.16 0.94 4.20
CA HIS A 460 6.79 0.59 3.85
C HIS A 460 6.14 -0.14 5.02
N LEU A 461 5.28 0.55 5.75
CA LEU A 461 4.47 -0.05 6.79
C LEU A 461 3.34 -0.81 6.11
N ARG A 462 3.51 -2.11 5.93
CA ARG A 462 2.56 -2.94 5.19
C ARG A 462 1.73 -3.77 6.17
N ILE A 463 0.41 -3.70 6.02
CA ILE A 463 -0.50 -4.49 6.85
C ILE A 463 -0.41 -5.95 6.44
N SER A 464 -0.02 -6.81 7.39
CA SER A 464 0.23 -8.22 7.13
C SER A 464 -1.10 -8.95 6.93
N LYS A 465 -1.42 -9.23 5.66
CA LYS A 465 -2.63 -9.97 5.30
C LYS A 465 -2.37 -11.47 5.32
N ASP A 466 -1.39 -11.93 6.09
CA ASP A 466 -1.04 -13.33 6.21
C ASP A 466 -1.22 -13.87 7.62
N GLY A 467 -0.92 -13.08 8.65
CA GLY A 467 -1.11 -13.51 10.03
C GLY A 467 0.06 -14.31 10.55
N SER A 468 -0.07 -14.70 11.82
CA SER A 468 0.96 -15.48 12.49
C SER A 468 0.78 -16.97 12.33
N GLY A 469 -0.32 -17.42 11.72
CA GLY A 469 -0.47 -18.85 11.47
C GLY A 469 0.48 -19.34 10.41
N VAL A 470 0.69 -18.55 9.35
CA VAL A 470 1.65 -18.92 8.32
C VAL A 470 3.05 -18.97 8.90
N GLY A 471 3.37 -18.02 9.78
CA GLY A 471 4.69 -18.02 10.40
C GLY A 471 4.93 -19.26 11.24
N ALA A 472 3.96 -19.61 12.08
CA ALA A 472 4.07 -20.82 12.89
C ALA A 472 4.13 -22.05 12.02
N ALA A 473 3.34 -22.09 10.94
CA ALA A 473 3.33 -23.25 10.05
C ALA A 473 4.70 -23.43 9.40
N LEU A 474 5.35 -22.33 9.03
CA LEU A 474 6.67 -22.42 8.42
C LEU A 474 7.68 -23.00 9.40
N CYS A 475 7.57 -22.63 10.69
CA CYS A 475 8.47 -23.19 11.69
C CYS A 475 8.17 -24.67 11.92
N ALA A 476 6.88 -25.04 11.94
CA ALA A 476 6.52 -26.44 12.10
C ALA A 476 7.02 -27.27 10.92
N LEU A 477 6.87 -26.74 9.70
CA LEU A 477 7.39 -27.42 8.52
C LEU A 477 8.87 -27.72 8.67
N HIS A 478 9.63 -26.76 9.19
CA HIS A 478 11.07 -26.95 9.36
C HIS A 478 11.37 -28.01 10.42
N ALA A 479 10.65 -27.97 11.55
CA ALA A 479 10.96 -28.82 12.68
C ALA A 479 10.63 -30.28 12.39
N ASN A 480 11.16 -31.16 13.23
CA ASN A 480 10.90 -32.59 13.13
C ASN A 480 9.73 -32.98 14.04
N TYR A 481 8.91 -33.91 13.57
CA TYR A 481 7.77 -34.38 14.33
C TYR A 481 8.21 -35.09 15.60
N SER B 2 37.77 -1.49 -20.17
CA SER B 2 37.63 -0.12 -19.68
C SER B 2 38.15 0.88 -20.71
N ASP B 3 37.29 1.82 -21.09
CA ASP B 3 37.61 2.87 -22.04
C ASP B 3 37.30 4.21 -21.38
N PRO B 4 38.31 4.91 -20.83
CA PRO B 4 38.01 6.13 -20.07
C PRO B 4 37.24 7.17 -20.87
N LYS B 5 37.39 7.20 -22.19
CA LYS B 5 36.65 8.18 -22.98
C LYS B 5 35.19 7.79 -23.10
N LEU B 6 34.90 6.48 -23.18
CA LEU B 6 33.51 6.04 -23.16
C LEU B 6 32.87 6.31 -21.79
N THR B 7 33.64 6.12 -20.71
CA THR B 7 33.08 6.36 -19.38
C THR B 7 32.71 7.83 -19.19
N LYS B 8 33.58 8.75 -19.61
CA LYS B 8 33.27 10.17 -19.46
C LYS B 8 32.14 10.58 -20.39
N ALA B 9 32.07 9.99 -21.59
CA ALA B 9 30.96 10.29 -22.48
C ALA B 9 29.63 9.86 -21.85
N VAL B 10 29.62 8.70 -21.19
CA VAL B 10 28.40 8.21 -20.57
C VAL B 10 28.02 9.07 -19.38
N ASP B 11 28.99 9.35 -18.49
CA ASP B 11 28.71 10.21 -17.35
C ASP B 11 28.18 11.56 -17.80
N SER B 12 28.69 12.08 -18.92
CA SER B 12 28.21 13.36 -19.42
C SER B 12 26.79 13.26 -19.94
N ILE B 13 26.47 12.17 -20.65
CA ILE B 13 25.11 11.98 -21.14
C ILE B 13 24.14 11.80 -19.97
N CYS B 14 24.54 11.06 -18.95
CA CYS B 14 23.70 10.90 -17.77
C CYS B 14 23.36 12.25 -17.15
N ASP B 15 24.32 13.17 -17.16
CA ASP B 15 24.07 14.50 -16.62
C ASP B 15 23.01 15.25 -17.43
N GLN B 16 22.83 14.90 -18.71
CA GLN B 16 21.81 15.55 -19.52
C GLN B 16 20.40 15.24 -19.05
N PHE B 17 20.23 14.18 -18.25
CA PHE B 17 18.92 13.74 -17.81
C PHE B 17 18.58 14.19 -16.39
N ILE B 18 19.46 14.97 -15.75
CA ILE B 18 19.22 15.41 -14.38
C ILE B 18 18.05 16.39 -14.34
N VAL B 19 17.14 16.20 -13.40
CA VAL B 19 16.03 17.12 -13.14
C VAL B 19 16.15 17.56 -11.69
N THR B 20 16.40 18.86 -11.49
CA THR B 20 16.64 19.39 -10.16
C THR B 20 15.33 19.80 -9.49
N LYS B 21 15.43 20.11 -8.20
CA LYS B 21 14.29 20.63 -7.45
C LYS B 21 13.73 21.89 -8.12
N SER B 22 14.62 22.82 -8.49
CA SER B 22 14.18 24.06 -9.11
C SER B 22 13.45 23.79 -10.43
N LYS B 23 13.92 22.81 -11.19
CA LYS B 23 13.24 22.46 -12.44
C LYS B 23 11.84 21.93 -12.18
N ILE B 24 11.69 21.03 -11.20
CA ILE B 24 10.37 20.51 -10.86
C ILE B 24 9.44 21.64 -10.48
N SER B 25 9.91 22.59 -9.66
CA SER B 25 9.08 23.73 -9.30
C SER B 25 8.65 24.51 -10.53
N GLN B 26 9.59 24.78 -11.43
CA GLN B 26 9.27 25.51 -12.66
C GLN B 26 8.24 24.76 -13.49
N LEU B 27 8.46 23.47 -13.73
CA LEU B 27 7.54 22.70 -14.56
C LEU B 27 6.17 22.59 -13.88
N THR B 28 6.15 22.47 -12.55
CA THR B 28 4.89 22.45 -11.83
C THR B 28 4.15 23.76 -12.03
N GLU B 29 4.86 24.88 -11.89
CA GLU B 29 4.26 26.19 -12.11
C GLU B 29 3.74 26.31 -13.54
N TYR B 30 4.58 25.96 -14.52
CA TYR B 30 4.18 26.07 -15.91
C TYR B 30 3.01 25.17 -16.22
N PHE B 31 2.99 23.96 -15.67
CA PHE B 31 1.88 23.05 -15.91
C PHE B 31 0.55 23.66 -15.49
N ILE B 32 0.54 24.35 -14.34
CA ILE B 32 -0.69 25.00 -13.89
C ILE B 32 -1.11 26.09 -14.87
N ASP B 33 -0.15 26.91 -15.32
CA ASP B 33 -0.45 27.90 -16.34
C ASP B 33 -1.09 27.26 -17.55
N CYS B 34 -0.49 26.16 -18.03
CA CYS B 34 -1.05 25.48 -19.20
C CYS B 34 -2.43 24.92 -18.91
N MET B 35 -2.68 24.49 -17.67
CA MET B 35 -4.03 24.04 -17.31
C MET B 35 -5.03 25.17 -17.49
N GLU B 36 -4.70 26.35 -16.96
CA GLU B 36 -5.63 27.48 -17.04
C GLU B 36 -5.82 27.94 -18.48
N LYS B 37 -4.73 28.03 -19.25
CA LYS B 37 -4.87 28.33 -20.66
C LYS B 37 -5.74 27.29 -21.36
N GLY B 38 -5.51 26.00 -21.07
CA GLY B 38 -6.25 24.95 -21.73
C GLY B 38 -7.71 24.91 -21.37
N LEU B 39 -8.09 25.51 -20.24
CA LEU B 39 -9.50 25.57 -19.85
C LEU B 39 -10.26 26.70 -20.55
N GLU B 40 -9.55 27.61 -21.30
CA GLU B 40 -10.25 28.63 -22.06
C GLU B 40 -10.66 28.08 -23.43
N PRO B 41 -11.72 28.61 -24.03
CA PRO B 41 -12.07 28.17 -25.39
C PRO B 41 -11.06 28.64 -26.44
N CYS B 42 -10.64 27.72 -27.30
CA CYS B 42 -9.75 28.03 -28.41
C CYS B 42 -10.57 28.09 -29.69
N GLU B 43 -10.48 29.21 -30.41
CA GLU B 43 -11.17 29.34 -31.70
C GLU B 43 -10.35 28.77 -32.85
N SER B 44 -9.34 27.96 -32.56
CA SER B 44 -8.57 27.28 -33.59
C SER B 44 -9.07 25.86 -33.73
N ASP B 45 -8.43 25.10 -34.61
CA ASP B 45 -8.74 23.69 -34.73
C ASP B 45 -8.22 22.95 -33.49
N ILE B 46 -9.05 22.04 -32.96
CA ILE B 46 -8.60 21.27 -31.81
C ILE B 46 -7.44 20.36 -32.20
N SER B 47 -7.38 19.96 -33.47
CA SER B 47 -6.27 19.14 -33.94
C SER B 47 -4.99 19.96 -34.13
N GLN B 48 -5.12 21.27 -34.38
CA GLN B 48 -3.97 22.14 -34.49
C GLN B 48 -3.48 22.65 -33.13
N ASN B 49 -4.35 22.67 -32.12
CA ASN B 49 -3.98 23.21 -30.83
C ASN B 49 -2.74 22.52 -30.29
N LYS B 50 -1.76 23.32 -29.86
CA LYS B 50 -0.51 22.81 -29.31
C LYS B 50 -0.47 22.86 -27.78
N GLY B 51 -1.48 23.43 -27.13
CA GLY B 51 -1.50 23.55 -25.70
C GLY B 51 -1.99 22.28 -25.01
N LEU B 52 -2.18 22.40 -23.71
CA LEU B 52 -2.67 21.29 -22.89
C LEU B 52 -4.15 21.06 -23.18
N PRO B 53 -4.55 19.93 -23.76
CA PRO B 53 -5.94 19.80 -24.26
C PRO B 53 -7.01 20.11 -23.22
N MET B 54 -6.92 19.55 -22.02
CA MET B 54 -7.88 19.81 -20.96
C MET B 54 -9.32 19.58 -21.45
N ILE B 55 -9.60 18.33 -21.78
CA ILE B 55 -10.81 17.96 -22.48
C ILE B 55 -11.90 17.66 -21.46
N PRO B 56 -13.04 18.36 -21.50
CA PRO B 56 -14.15 17.99 -20.61
C PRO B 56 -14.72 16.64 -20.97
N THR B 57 -14.91 15.79 -19.95
CA THR B 57 -15.38 14.42 -20.15
C THR B 57 -16.88 14.29 -20.00
N PHE B 58 -17.56 15.32 -19.50
CA PHE B 58 -18.99 15.26 -19.24
C PHE B 58 -19.32 14.20 -18.19
N VAL B 59 -18.35 13.91 -17.32
CA VAL B 59 -18.56 13.15 -16.11
C VAL B 59 -18.53 14.13 -14.94
N THR B 60 -19.62 14.19 -14.18
CA THR B 60 -19.79 15.20 -13.14
C THR B 60 -19.92 14.62 -11.74
N ASP B 61 -19.93 13.30 -11.59
CA ASP B 61 -20.18 12.67 -10.29
C ASP B 61 -19.15 11.58 -10.03
N LYS B 62 -18.51 11.65 -8.87
CA LYS B 62 -17.60 10.60 -8.43
C LYS B 62 -18.41 9.47 -7.78
N PRO B 63 -18.27 8.23 -8.25
CA PRO B 63 -19.06 7.14 -7.67
C PRO B 63 -18.91 7.08 -6.15
N SER B 64 -20.00 6.75 -5.47
CA SER B 64 -20.00 6.59 -4.02
C SER B 64 -19.69 5.17 -3.59
N GLY B 65 -19.83 4.20 -4.49
CA GLY B 65 -19.73 2.80 -4.14
C GLY B 65 -21.06 2.12 -3.94
N GLN B 66 -22.15 2.88 -3.85
CA GLN B 66 -23.48 2.34 -3.66
C GLN B 66 -24.27 2.25 -4.96
N GLU B 67 -23.64 2.56 -6.09
CA GLU B 67 -24.30 2.41 -7.38
C GLU B 67 -24.59 0.95 -7.65
N HIS B 68 -25.76 0.68 -8.24
CA HIS B 68 -26.16 -0.69 -8.53
C HIS B 68 -27.12 -0.67 -9.71
N GLY B 69 -27.19 -1.81 -10.39
CA GLY B 69 -28.08 -1.94 -11.53
C GLY B 69 -27.88 -3.27 -12.22
N VAL B 70 -28.61 -3.43 -13.32
CA VAL B 70 -28.53 -4.64 -14.13
C VAL B 70 -27.16 -4.71 -14.80
N THR B 71 -26.83 -5.86 -15.36
CA THR B 71 -25.52 -6.05 -15.97
C THR B 71 -25.32 -5.07 -17.12
N MET B 72 -24.19 -4.36 -17.07
CA MET B 72 -23.76 -3.46 -18.13
C MET B 72 -22.67 -4.12 -18.97
N LEU B 73 -22.55 -3.68 -20.20
CA LEU B 73 -21.46 -4.10 -21.08
C LEU B 73 -20.37 -3.04 -21.11
N ALA B 74 -19.15 -3.48 -21.41
CA ALA B 74 -18.02 -2.57 -21.50
C ALA B 74 -17.04 -3.05 -22.56
N ALA B 75 -16.54 -2.10 -23.33
CA ALA B 75 -15.47 -2.35 -24.30
C ALA B 75 -14.33 -1.42 -23.99
N ASP B 76 -13.10 -1.95 -24.06
CA ASP B 76 -11.91 -1.20 -23.64
C ASP B 76 -10.84 -1.40 -24.71
N LEU B 77 -10.56 -0.36 -25.48
CA LEU B 77 -9.50 -0.39 -26.48
C LEU B 77 -8.31 0.41 -25.92
N GLY B 78 -7.22 -0.29 -25.63
CA GLY B 78 -6.01 0.32 -25.18
C GLY B 78 -4.99 0.50 -26.29
N GLY B 79 -3.72 0.55 -25.90
CA GLY B 79 -2.64 0.59 -26.86
C GLY B 79 -2.09 -0.77 -27.24
N THR B 80 -2.47 -1.80 -26.49
CA THR B 80 -1.98 -3.15 -26.68
C THR B 80 -3.08 -4.20 -26.73
N ASN B 81 -4.14 -4.04 -25.93
CA ASN B 81 -5.18 -5.05 -25.80
C ASN B 81 -6.54 -4.43 -26.04
N PHE B 82 -7.49 -5.29 -26.40
CA PHE B 82 -8.90 -4.95 -26.45
C PHE B 82 -9.65 -5.92 -25.56
N ARG B 83 -10.57 -5.38 -24.74
CA ARG B 83 -11.34 -6.18 -23.82
C ARG B 83 -12.82 -5.88 -23.98
N VAL B 84 -13.63 -6.93 -23.85
CA VAL B 84 -15.08 -6.81 -23.74
C VAL B 84 -15.46 -7.40 -22.39
N CYS B 85 -16.37 -6.74 -21.68
CA CYS B 85 -16.74 -7.19 -20.35
C CYS B 85 -18.21 -6.94 -20.12
N SER B 86 -18.75 -7.71 -19.17
CA SER B 86 -20.06 -7.47 -18.59
C SER B 86 -19.85 -7.21 -17.11
N VAL B 87 -20.43 -6.13 -16.60
CA VAL B 87 -20.23 -5.72 -15.22
C VAL B 87 -21.59 -5.59 -14.55
N GLU B 88 -21.78 -6.32 -13.46
CA GLU B 88 -22.98 -6.22 -12.66
C GLU B 88 -22.61 -5.49 -11.37
N LEU B 89 -23.07 -4.24 -11.26
CA LEU B 89 -22.76 -3.42 -10.09
C LEU B 89 -23.73 -3.76 -8.97
N LEU B 90 -23.21 -4.27 -7.86
CA LEU B 90 -24.01 -4.76 -6.75
C LEU B 90 -24.16 -3.73 -5.64
N GLY B 91 -23.58 -2.55 -5.77
CA GLY B 91 -23.53 -1.61 -4.67
C GLY B 91 -22.61 -2.12 -3.58
N ASN B 92 -22.36 -1.30 -2.57
CA ASN B 92 -21.47 -1.66 -1.46
C ASN B 92 -20.07 -2.00 -1.96
N HIS B 93 -19.63 -1.35 -3.03
CA HIS B 93 -18.28 -1.49 -3.57
C HIS B 93 -18.02 -2.86 -4.17
N GLU B 94 -19.07 -3.64 -4.46
CA GLU B 94 -18.95 -4.98 -5.00
C GLU B 94 -19.47 -5.02 -6.43
N PHE B 95 -18.98 -6.01 -7.19
CA PHE B 95 -19.40 -6.17 -8.57
C PHE B 95 -19.03 -7.56 -9.07
N LYS B 96 -19.79 -8.03 -10.05
CA LYS B 96 -19.47 -9.25 -10.79
C LYS B 96 -18.99 -8.85 -12.18
N ILE B 97 -17.86 -9.42 -12.61
CA ILE B 97 -17.27 -9.11 -13.90
C ILE B 97 -17.04 -10.39 -14.68
N GLU B 98 -17.40 -10.38 -15.95
CA GLU B 98 -16.99 -11.38 -16.93
C GLU B 98 -16.30 -10.63 -18.06
N GLN B 99 -15.09 -11.06 -18.43
CA GLN B 99 -14.34 -10.33 -19.44
C GLN B 99 -13.55 -11.30 -20.31
N GLU B 100 -13.26 -10.84 -21.53
CA GLU B 100 -12.39 -11.52 -22.47
C GLU B 100 -11.35 -10.51 -22.94
N LYS B 101 -10.08 -10.86 -22.80
CA LYS B 101 -8.97 -10.01 -23.17
C LYS B 101 -8.23 -10.60 -24.37
N SER B 102 -7.84 -9.75 -25.29
CA SER B 102 -7.15 -10.20 -26.50
C SER B 102 -6.18 -9.13 -26.96
N LYS B 103 -5.03 -9.56 -27.47
CA LYS B 103 -4.05 -8.63 -28.00
C LYS B 103 -4.58 -7.98 -29.27
N ILE B 104 -4.25 -6.71 -29.47
CA ILE B 104 -4.57 -6.03 -30.71
C ILE B 104 -3.65 -6.60 -31.78
N PRO B 105 -4.16 -7.18 -32.86
CA PRO B 105 -3.27 -7.75 -33.87
C PRO B 105 -2.26 -6.73 -34.37
N THR B 106 -1.06 -7.19 -34.67
CA THR B 106 -0.05 -6.30 -35.22
C THR B 106 -0.50 -5.69 -36.54
N PHE B 107 -1.50 -6.29 -37.18
CA PHE B 107 -2.07 -5.75 -38.42
C PHE B 107 -2.44 -4.27 -38.28
N PHE B 108 -2.98 -3.88 -37.12
CA PHE B 108 -3.43 -2.51 -36.93
C PHE B 108 -2.31 -1.52 -36.64
N PHE B 109 -1.07 -1.99 -36.50
CA PHE B 109 0.05 -1.13 -36.16
C PHE B 109 1.03 -0.94 -37.31
N GLN B 110 0.77 -1.53 -38.47
CA GLN B 110 1.70 -1.53 -39.58
C GLN B 110 1.18 -0.70 -40.74
N ASP B 111 2.11 -0.25 -41.59
CA ASP B 111 1.79 0.57 -42.75
C ASP B 111 1.99 -0.15 -44.07
N ASP B 112 2.54 -1.37 -44.05
CA ASP B 112 2.75 -2.10 -45.31
C ASP B 112 1.43 -2.35 -46.01
N HIS B 113 0.37 -2.61 -45.25
CA HIS B 113 -0.97 -2.83 -45.80
C HIS B 113 -1.92 -1.78 -45.24
N HIS B 114 -2.92 -1.43 -46.04
CA HIS B 114 -3.85 -0.39 -45.65
C HIS B 114 -4.79 -0.88 -44.55
N VAL B 115 -4.93 -0.10 -43.50
CA VAL B 115 -5.84 -0.37 -42.40
C VAL B 115 -6.91 0.71 -42.38
N THR B 116 -8.17 0.30 -42.21
CA THR B 116 -9.29 1.22 -42.20
C THR B 116 -10.00 1.17 -40.85
N SER B 117 -10.83 2.19 -40.60
CA SER B 117 -11.61 2.21 -39.37
C SER B 117 -12.54 1.00 -39.29
N LYS B 118 -13.07 0.58 -40.43
CA LYS B 118 -13.98 -0.56 -40.44
C LYS B 118 -13.26 -1.82 -39.95
N ASP B 119 -11.98 -1.98 -40.34
CA ASP B 119 -11.21 -3.10 -39.83
C ASP B 119 -11.19 -3.11 -38.31
N LEU B 120 -10.88 -1.97 -37.70
CA LEU B 120 -10.77 -1.89 -36.25
C LEU B 120 -12.13 -2.15 -35.59
N PHE B 121 -13.14 -1.37 -35.97
CA PHE B 121 -14.42 -1.44 -35.27
C PHE B 121 -15.22 -2.67 -35.66
N GLN B 122 -15.01 -3.22 -36.86
CA GLN B 122 -15.58 -4.53 -37.16
C GLN B 122 -14.96 -5.60 -36.28
N HIS B 123 -13.65 -5.55 -36.11
CA HIS B 123 -12.98 -6.49 -35.21
C HIS B 123 -13.51 -6.36 -33.79
N MET B 124 -13.74 -5.13 -33.32
CA MET B 124 -14.26 -4.94 -31.97
C MET B 124 -15.69 -5.43 -31.85
N ALA B 125 -16.52 -5.19 -32.87
CA ALA B 125 -17.90 -5.65 -32.82
C ALA B 125 -17.99 -7.16 -32.84
N LEU B 126 -17.11 -7.81 -33.59
CA LEU B 126 -17.11 -9.28 -33.64
C LEU B 126 -16.66 -9.86 -32.31
N ILE B 127 -15.63 -9.28 -31.69
CA ILE B 127 -15.22 -9.72 -30.36
C ILE B 127 -16.38 -9.57 -29.38
N THR B 128 -17.11 -8.46 -29.47
CA THR B 128 -18.30 -8.28 -28.65
C THR B 128 -19.31 -9.38 -28.92
N HIS B 129 -19.58 -9.66 -30.21
CA HIS B 129 -20.50 -10.72 -30.57
C HIS B 129 -20.05 -12.06 -29.99
N GLN B 130 -18.75 -12.34 -30.06
CA GLN B 130 -18.23 -13.59 -29.51
C GLN B 130 -18.40 -13.65 -28.00
N PHE B 131 -18.16 -12.52 -27.32
CA PHE B 131 -18.33 -12.48 -25.87
C PHE B 131 -19.78 -12.76 -25.48
N LEU B 132 -20.72 -12.10 -26.14
CA LEU B 132 -22.13 -12.30 -25.83
C LEU B 132 -22.57 -13.73 -26.12
N THR B 133 -22.03 -14.33 -27.18
CA THR B 133 -22.38 -15.71 -27.50
C THR B 133 -21.84 -16.66 -26.44
N LYS B 134 -20.65 -16.39 -25.92
CA LYS B 134 -20.01 -17.29 -24.96
C LYS B 134 -20.58 -17.14 -23.55
N HIS B 135 -20.77 -15.90 -23.10
CA HIS B 135 -21.09 -15.65 -21.70
C HIS B 135 -22.55 -15.31 -21.45
N HIS B 136 -23.32 -14.96 -22.48
CA HIS B 136 -24.72 -14.60 -22.31
C HIS B 136 -25.55 -15.15 -23.46
N LYS B 137 -25.31 -16.43 -23.80
CA LYS B 137 -26.03 -17.05 -24.91
C LYS B 137 -27.53 -17.08 -24.63
N ASP B 138 -27.92 -17.38 -23.39
CA ASP B 138 -29.33 -17.54 -23.07
C ASP B 138 -30.08 -16.21 -23.16
N VAL B 139 -29.37 -15.09 -23.12
CA VAL B 139 -30.03 -13.80 -23.16
C VAL B 139 -30.67 -13.61 -24.54
N ILE B 140 -31.88 -13.07 -24.55
CA ILE B 140 -32.60 -12.88 -25.80
C ILE B 140 -31.75 -12.03 -26.75
N GLN B 141 -31.97 -12.20 -28.05
CA GLN B 141 -31.23 -11.44 -29.04
C GLN B 141 -31.73 -10.00 -29.14
N ASP B 142 -32.83 -9.70 -28.47
CA ASP B 142 -33.43 -8.37 -28.45
C ASP B 142 -33.12 -7.61 -27.17
N TYR B 143 -32.40 -8.24 -26.24
CA TYR B 143 -32.14 -7.60 -24.95
C TYR B 143 -31.50 -6.24 -25.16
N LYS B 144 -31.95 -5.25 -24.38
CA LYS B 144 -31.49 -3.87 -24.51
C LYS B 144 -30.22 -3.67 -23.68
N TRP B 145 -29.10 -4.06 -24.27
CA TRP B 145 -27.80 -3.89 -23.63
C TRP B 145 -27.37 -2.43 -23.67
N LYS B 146 -26.88 -1.92 -22.55
CA LYS B 146 -26.16 -0.65 -22.52
C LYS B 146 -24.67 -0.94 -22.42
N MET B 147 -23.88 -0.26 -23.24
CA MET B 147 -22.43 -0.49 -23.28
C MET B 147 -21.69 0.82 -23.04
N GLY B 148 -20.69 0.76 -22.18
CA GLY B 148 -19.73 1.84 -22.03
C GLY B 148 -18.46 1.52 -22.79
N PHE B 149 -17.94 2.52 -23.50
CA PHE B 149 -16.80 2.36 -24.39
C PHE B 149 -15.62 3.13 -23.80
N THR B 150 -14.62 2.39 -23.30
CA THR B 150 -13.37 2.99 -22.84
C THR B 150 -12.42 3.02 -24.03
N PHE B 151 -12.10 4.24 -24.48
CA PHE B 151 -11.29 4.48 -25.68
C PHE B 151 -10.09 5.31 -25.22
N SER B 152 -8.92 4.67 -25.11
CA SER B 152 -7.76 5.29 -24.48
C SER B 152 -7.00 6.15 -25.48
N TYR B 153 -7.71 7.11 -26.07
CA TYR B 153 -7.10 8.02 -27.04
C TYR B 153 -7.77 9.38 -26.94
N PRO B 154 -7.07 10.44 -27.33
CA PRO B 154 -7.64 11.79 -27.22
C PRO B 154 -8.86 11.95 -28.11
N VAL B 155 -9.97 12.35 -27.51
CA VAL B 155 -11.25 12.53 -28.19
C VAL B 155 -11.78 13.92 -27.88
N ASP B 156 -12.29 14.59 -28.91
CA ASP B 156 -12.93 15.90 -28.75
C ASP B 156 -14.33 15.65 -28.21
N GLN B 157 -14.39 15.36 -26.90
CA GLN B 157 -15.65 14.97 -26.29
C GLN B 157 -16.67 16.11 -26.39
N THR B 158 -17.86 15.77 -26.91
CA THR B 158 -18.96 16.71 -26.99
C THR B 158 -20.12 16.36 -26.08
N SER B 159 -20.24 15.11 -25.67
CA SER B 159 -21.19 14.67 -24.66
C SER B 159 -20.66 13.38 -24.06
N LEU B 160 -21.43 12.79 -23.15
CA LEU B 160 -20.99 11.53 -22.55
C LEU B 160 -20.88 10.42 -23.58
N SER B 161 -21.62 10.52 -24.69
CA SER B 161 -21.70 9.46 -25.68
C SER B 161 -21.20 9.88 -27.06
N SER B 162 -20.53 11.02 -27.18
CA SER B 162 -20.10 11.52 -28.48
C SER B 162 -18.75 12.22 -28.35
N GLY B 163 -17.95 12.08 -29.41
CA GLY B 163 -16.65 12.71 -29.48
C GLY B 163 -15.84 12.19 -30.64
N LYS B 164 -15.10 13.08 -31.30
CA LYS B 164 -14.33 12.72 -32.49
C LYS B 164 -12.86 12.53 -32.15
N LEU B 165 -12.26 11.49 -32.73
CA LEU B 165 -10.84 11.23 -32.51
C LEU B 165 -10.01 12.43 -32.96
N ILE B 166 -9.18 12.94 -32.05
CA ILE B 166 -8.30 14.06 -32.38
C ILE B 166 -7.08 13.56 -33.16
N ARG B 167 -6.37 12.59 -32.60
CA ARG B 167 -5.25 11.98 -33.30
C ARG B 167 -4.91 10.67 -32.59
N TRP B 168 -4.43 9.71 -33.36
CA TRP B 168 -3.97 8.46 -32.78
C TRP B 168 -2.68 8.67 -31.99
N THR B 169 -2.39 7.71 -31.13
CA THR B 169 -1.16 7.70 -30.36
C THR B 169 -0.73 6.24 -30.18
N LYS B 170 0.41 6.05 -29.54
CA LYS B 170 0.86 4.73 -29.10
C LYS B 170 0.98 3.74 -30.26
N GLY B 171 1.32 4.23 -31.44
CA GLY B 171 1.61 3.37 -32.58
C GLY B 171 0.43 3.05 -33.47
N PHE B 172 -0.78 3.46 -33.11
CA PHE B 172 -1.93 3.22 -33.96
C PHE B 172 -1.84 4.07 -35.22
N LYS B 173 -2.07 3.44 -36.38
CA LYS B 173 -2.04 4.15 -37.66
C LYS B 173 -3.28 3.75 -38.45
N ILE B 174 -4.36 4.51 -38.28
CA ILE B 174 -5.58 4.35 -39.06
C ILE B 174 -6.00 5.75 -39.49
N GLY B 175 -5.70 6.13 -40.73
CA GLY B 175 -5.85 7.52 -41.12
C GLY B 175 -7.29 8.02 -41.11
N ASP B 176 -8.23 7.19 -41.53
CA ASP B 176 -9.61 7.63 -41.71
C ASP B 176 -10.40 7.72 -40.40
N THR B 177 -9.84 7.29 -39.27
CA THR B 177 -10.53 7.46 -38.00
C THR B 177 -10.46 8.88 -37.49
N VAL B 178 -9.38 9.60 -37.79
CA VAL B 178 -9.22 10.96 -37.31
C VAL B 178 -10.39 11.81 -37.79
N GLY B 179 -11.00 12.56 -36.87
CA GLY B 179 -12.14 13.39 -37.19
C GLY B 179 -13.47 12.67 -37.21
N GLN B 180 -13.50 11.40 -36.82
CA GLN B 180 -14.72 10.60 -36.85
C GLN B 180 -15.18 10.31 -35.42
N ASP B 181 -16.50 10.29 -35.23
CA ASP B 181 -17.08 9.93 -33.93
C ASP B 181 -16.92 8.43 -33.71
N VAL B 182 -16.09 8.06 -32.74
CA VAL B 182 -15.75 6.66 -32.55
C VAL B 182 -16.92 5.85 -32.00
N VAL B 183 -17.87 6.50 -31.31
CA VAL B 183 -19.05 5.78 -30.85
C VAL B 183 -19.94 5.40 -32.02
N GLN B 184 -20.09 6.31 -32.98
CA GLN B 184 -20.89 5.99 -34.17
C GLN B 184 -20.21 4.91 -35.01
N LEU B 185 -18.88 5.02 -35.20
CA LEU B 185 -18.18 3.98 -35.94
C LEU B 185 -18.38 2.62 -35.29
N PHE B 186 -18.27 2.55 -33.96
CA PHE B 186 -18.46 1.30 -33.26
C PHE B 186 -19.91 0.84 -33.35
N GLN B 187 -20.85 1.76 -33.13
CA GLN B 187 -22.27 1.40 -33.16
C GLN B 187 -22.66 0.85 -34.52
N GLN B 188 -22.16 1.47 -35.60
CA GLN B 188 -22.53 1.02 -36.94
C GLN B 188 -22.11 -0.42 -37.18
N GLU B 189 -20.91 -0.80 -36.69
CA GLU B 189 -20.45 -2.17 -36.89
C GLU B 189 -21.23 -3.15 -36.02
N LEU B 190 -21.61 -2.74 -34.82
CA LEU B 190 -22.50 -3.57 -34.01
C LEU B 190 -23.84 -3.76 -34.70
N ASN B 191 -24.37 -2.69 -35.31
CA ASN B 191 -25.62 -2.81 -36.06
C ASN B 191 -25.48 -3.80 -37.20
N ASP B 192 -24.32 -3.80 -37.87
CA ASP B 192 -24.16 -4.60 -39.08
C ASP B 192 -24.09 -6.09 -38.81
N ILE B 193 -23.87 -6.51 -37.56
CA ILE B 193 -23.78 -7.93 -37.24
C ILE B 193 -24.93 -8.33 -36.31
N GLY B 194 -26.05 -7.63 -36.42
CA GLY B 194 -27.23 -7.99 -35.67
C GLY B 194 -27.25 -7.54 -34.22
N LEU B 195 -26.26 -6.79 -33.78
CA LEU B 195 -26.19 -6.30 -32.40
C LEU B 195 -26.66 -4.86 -32.29
N SER B 196 -27.66 -4.47 -33.09
CA SER B 196 -28.24 -3.14 -32.95
C SER B 196 -28.92 -2.97 -31.59
N ASN B 197 -29.26 -4.07 -30.92
CA ASN B 197 -29.81 -4.00 -29.57
C ASN B 197 -28.75 -3.64 -28.53
N VAL B 198 -27.48 -3.59 -28.91
CA VAL B 198 -26.40 -3.15 -28.03
C VAL B 198 -26.15 -1.68 -28.33
N HIS B 199 -26.43 -0.81 -27.36
CA HIS B 199 -26.31 0.63 -27.52
C HIS B 199 -25.07 1.11 -26.76
N VAL B 200 -24.11 1.66 -27.49
CA VAL B 200 -22.94 2.30 -26.88
C VAL B 200 -23.39 3.66 -26.39
N VAL B 201 -23.59 3.79 -25.08
CA VAL B 201 -24.21 4.98 -24.49
C VAL B 201 -23.22 5.84 -23.73
N ALA B 202 -21.95 5.45 -23.67
CA ALA B 202 -20.96 6.23 -22.93
C ALA B 202 -19.60 6.06 -23.57
N LEU B 203 -18.79 7.12 -23.51
CA LEU B 203 -17.44 7.13 -24.03
C LEU B 203 -16.54 7.78 -22.99
N THR B 204 -15.53 7.04 -22.53
CA THR B 204 -14.61 7.53 -21.51
C THR B 204 -13.17 7.25 -21.90
N ASN B 205 -12.29 8.17 -21.50
CA ASN B 205 -10.87 7.93 -21.59
C ASN B 205 -10.44 6.96 -20.49
N ASP B 206 -9.29 6.31 -20.69
CA ASP B 206 -8.85 5.33 -19.70
C ASP B 206 -8.49 5.98 -18.37
N THR B 207 -8.10 7.26 -18.38
CA THR B 207 -7.91 7.97 -17.12
C THR B 207 -9.24 8.12 -16.39
N THR B 208 -10.26 8.60 -17.09
CA THR B 208 -11.58 8.78 -16.48
C THR B 208 -12.07 7.48 -15.86
N GLY B 209 -11.99 6.37 -16.61
CA GLY B 209 -12.43 5.10 -16.08
C GLY B 209 -11.65 4.69 -14.84
N THR B 210 -10.34 4.97 -14.83
CA THR B 210 -9.53 4.60 -13.68
C THR B 210 -9.99 5.32 -12.43
N LEU B 211 -10.30 6.61 -12.54
CA LEU B 211 -10.76 7.36 -11.37
C LEU B 211 -12.11 6.86 -10.88
N LEU B 212 -13.08 6.68 -11.80
CA LEU B 212 -14.40 6.25 -11.40
C LEU B 212 -14.35 4.87 -10.74
N ALA B 213 -13.63 3.93 -11.36
CA ALA B 213 -13.57 2.58 -10.81
C ALA B 213 -13.00 2.57 -9.40
N ARG B 214 -11.99 3.42 -9.15
CA ARG B 214 -11.39 3.47 -7.81
C ARG B 214 -12.35 4.12 -6.80
N CYS B 215 -13.09 5.13 -7.23
CA CYS B 215 -14.09 5.75 -6.35
C CYS B 215 -15.14 4.73 -5.93
N TYR B 216 -15.55 3.86 -6.85
CA TYR B 216 -16.59 2.88 -6.53
C TYR B 216 -16.05 1.78 -5.64
N ALA B 217 -14.84 1.28 -5.94
CA ALA B 217 -14.32 0.09 -5.25
C ALA B 217 -13.75 0.42 -3.89
N SER B 218 -13.26 1.64 -3.68
CA SER B 218 -12.63 1.98 -2.41
C SER B 218 -13.61 1.81 -1.27
N SER B 219 -13.25 0.97 -0.30
CA SER B 219 -14.14 0.68 0.81
C SER B 219 -14.45 1.96 1.60
N ASP B 220 -15.49 1.86 2.43
CA ASP B 220 -15.88 3.01 3.25
C ASP B 220 -14.74 3.44 4.16
N ALA B 221 -14.05 2.49 4.78
CA ALA B 221 -12.95 2.83 5.67
C ALA B 221 -11.79 3.46 4.91
N ALA B 222 -11.40 2.84 3.80
CA ALA B 222 -10.31 3.40 3.00
C ALA B 222 -10.71 4.75 2.40
N ARG B 223 -11.92 4.82 1.83
CA ARG B 223 -12.39 6.08 1.27
C ARG B 223 -12.42 7.18 2.31
N ALA B 224 -12.65 6.84 3.58
CA ALA B 224 -12.75 7.85 4.62
C ALA B 224 -11.47 8.65 4.75
N ILE B 225 -10.31 7.99 4.64
CA ILE B 225 -9.02 8.64 4.79
C ILE B 225 -8.19 8.61 3.51
N ASN B 226 -8.78 8.15 2.40
CA ASN B 226 -8.12 8.18 1.10
C ASN B 226 -9.15 8.63 0.07
N GLU B 227 -9.08 9.90 -0.32
CA GLU B 227 -10.01 10.46 -1.29
C GLU B 227 -9.40 10.38 -2.68
N PRO B 228 -9.95 9.58 -3.60
CA PRO B 228 -9.40 9.56 -4.97
C PRO B 228 -9.62 10.89 -5.67
N VAL B 229 -8.53 11.54 -6.04
CA VAL B 229 -8.59 12.83 -6.72
C VAL B 229 -8.04 12.78 -8.13
N ILE B 230 -7.25 11.76 -8.49
CA ILE B 230 -6.65 11.66 -9.82
C ILE B 230 -6.72 10.21 -10.27
N GLY B 231 -7.18 10.00 -11.50
CA GLY B 231 -6.95 8.75 -12.19
C GLY B 231 -5.96 8.98 -13.31
N CYS B 232 -4.85 8.25 -13.30
CA CYS B 232 -3.77 8.51 -14.25
C CYS B 232 -3.17 7.20 -14.73
N ILE B 233 -2.41 7.30 -15.82
CA ILE B 233 -1.85 6.14 -16.52
C ILE B 233 -0.36 6.37 -16.75
N PHE B 234 0.44 5.32 -16.50
CA PHE B 234 1.85 5.29 -16.83
C PHE B 234 2.14 3.91 -17.42
N GLY B 235 1.77 3.74 -18.69
CA GLY B 235 2.01 2.49 -19.40
C GLY B 235 2.63 2.73 -20.75
N THR B 236 1.97 2.29 -21.82
CA THR B 236 2.44 2.61 -23.16
C THR B 236 2.46 4.12 -23.37
N GLY B 237 1.37 4.79 -22.99
CA GLY B 237 1.32 6.24 -22.93
C GLY B 237 1.13 6.69 -21.50
N THR B 238 0.99 8.00 -21.33
CA THR B 238 0.74 8.58 -20.01
C THR B 238 -0.29 9.70 -20.11
N ASN B 239 -1.12 9.81 -19.07
CA ASN B 239 -2.20 10.78 -19.03
C ASN B 239 -2.82 10.73 -17.64
N GLY B 240 -3.65 11.73 -17.34
CA GLY B 240 -4.34 11.75 -16.07
C GLY B 240 -5.51 12.71 -16.10
N CYS B 241 -6.48 12.44 -15.21
CA CYS B 241 -7.68 13.24 -15.09
C CYS B 241 -7.87 13.69 -13.64
N TYR B 242 -8.76 14.66 -13.47
CA TYR B 242 -9.07 15.22 -12.16
C TYR B 242 -10.43 15.93 -12.25
N MET B 243 -10.97 16.30 -11.10
CA MET B 243 -12.25 16.98 -11.02
C MET B 243 -12.03 18.49 -10.95
N GLU B 244 -12.53 19.22 -11.94
CA GLU B 244 -12.40 20.66 -12.01
C GLU B 244 -13.74 21.32 -11.71
N LYS B 245 -13.68 22.47 -11.04
CA LYS B 245 -14.90 23.24 -10.78
C LYS B 245 -15.54 23.67 -12.10
N LEU B 246 -16.86 23.49 -12.19
CA LEU B 246 -17.56 23.88 -13.41
C LEU B 246 -17.30 25.34 -13.78
N GLU B 247 -17.13 26.19 -12.77
CA GLU B 247 -16.94 27.61 -13.05
C GLU B 247 -15.62 27.88 -13.79
N ASN B 248 -14.62 27.02 -13.60
CA ASN B 248 -13.32 27.21 -14.23
C ASN B 248 -13.26 26.63 -15.63
N ILE B 249 -14.24 25.82 -16.04
CA ILE B 249 -14.24 25.21 -17.37
C ILE B 249 -14.86 26.20 -18.34
N HIS B 250 -14.12 27.27 -18.65
CA HIS B 250 -14.68 28.36 -19.44
C HIS B 250 -15.00 27.93 -20.87
N LYS B 251 -14.25 26.96 -21.41
CA LYS B 251 -14.55 26.46 -22.74
C LYS B 251 -15.89 25.76 -22.80
N LEU B 252 -16.47 25.40 -21.66
CA LEU B 252 -17.78 24.76 -21.63
C LEU B 252 -18.87 25.81 -21.82
N ASP B 253 -19.86 25.47 -22.62
CA ASP B 253 -20.95 26.40 -22.93
C ASP B 253 -21.54 26.96 -21.63
N PRO B 254 -21.58 28.29 -21.46
CA PRO B 254 -22.11 28.84 -20.20
C PRO B 254 -23.50 28.33 -19.86
N ALA B 255 -24.35 28.10 -20.86
CA ALA B 255 -25.68 27.55 -20.58
C ALA B 255 -25.57 26.13 -20.04
N SER B 256 -24.67 25.33 -20.60
CA SER B 256 -24.46 23.98 -20.07
C SER B 256 -23.94 24.02 -18.65
N ARG B 257 -23.02 24.97 -18.36
CA ARG B 257 -22.54 25.13 -17.00
C ARG B 257 -23.68 25.49 -16.05
N GLU B 258 -24.51 26.45 -16.45
CA GLU B 258 -25.62 26.85 -15.59
C GLU B 258 -26.62 25.72 -15.39
N GLU B 259 -26.91 24.98 -16.46
CA GLU B 259 -27.80 23.83 -16.34
C GLU B 259 -27.24 22.82 -15.34
N LEU B 260 -25.96 22.45 -15.49
CA LEU B 260 -25.36 21.49 -14.58
C LEU B 260 -25.35 22.02 -13.15
N LEU B 261 -25.00 23.28 -12.97
CA LEU B 261 -24.97 23.85 -11.62
C LEU B 261 -26.35 23.79 -10.96
N SER B 262 -27.41 24.10 -11.72
CA SER B 262 -28.75 24.06 -11.15
C SER B 262 -29.17 22.64 -10.77
N GLN B 263 -28.62 21.63 -11.45
CA GLN B 263 -28.90 20.24 -11.11
C GLN B 263 -28.17 19.78 -9.86
N GLY B 264 -27.37 20.63 -9.23
CA GLY B 264 -26.60 20.26 -8.06
C GLY B 264 -25.17 19.84 -8.33
N LYS B 265 -24.73 19.85 -9.58
CA LYS B 265 -23.36 19.49 -9.92
C LYS B 265 -22.42 20.64 -9.61
N THR B 266 -21.18 20.29 -9.25
CA THR B 266 -20.18 21.30 -8.91
C THR B 266 -18.91 21.12 -9.74
N HIS B 267 -18.62 19.89 -10.16
CA HIS B 267 -17.38 19.58 -10.85
C HIS B 267 -17.65 18.74 -12.09
N MET B 268 -16.69 18.77 -13.02
CA MET B 268 -16.65 17.86 -14.15
C MET B 268 -15.25 17.31 -14.28
N CYS B 269 -15.14 16.01 -14.57
CA CYS B 269 -13.84 15.40 -14.76
C CYS B 269 -13.20 15.92 -16.04
N ILE B 270 -11.92 16.28 -15.95
CA ILE B 270 -11.16 16.80 -17.08
C ILE B 270 -10.12 15.77 -17.47
N ASN B 271 -10.13 15.36 -18.74
CA ASN B 271 -9.06 14.56 -19.32
C ASN B 271 -7.98 15.53 -19.79
N THR B 272 -6.89 15.65 -19.02
CA THR B 272 -5.89 16.66 -19.32
C THR B 272 -5.12 16.33 -20.60
N GLU B 273 -4.97 15.06 -20.92
CA GLU B 273 -4.07 14.63 -21.99
C GLU B 273 -2.68 15.20 -21.75
N TRP B 274 -2.16 14.99 -20.54
CA TRP B 274 -0.89 15.62 -20.19
C TRP B 274 0.30 15.00 -20.91
N GLY B 275 0.09 13.95 -21.70
CA GLY B 275 1.12 13.52 -22.62
C GLY B 275 1.51 14.62 -23.59
N SER B 276 0.59 15.53 -23.89
CA SER B 276 0.83 16.68 -24.76
C SER B 276 1.17 17.94 -23.97
N PHE B 277 1.73 17.79 -22.78
CA PHE B 277 2.17 18.93 -21.99
C PHE B 277 3.41 19.55 -22.63
N ASP B 278 3.33 20.86 -22.90
CA ASP B 278 4.46 21.62 -23.44
C ASP B 278 4.96 21.02 -24.75
N ASN B 279 4.05 20.94 -25.73
CA ASN B 279 4.45 20.45 -27.03
C ASN B 279 5.44 21.38 -27.72
N GLU B 280 5.52 22.64 -27.30
CA GLU B 280 6.47 23.59 -27.86
C GLU B 280 7.85 23.47 -27.26
N LEU B 281 8.01 22.70 -26.19
CA LEU B 281 9.31 22.54 -25.52
C LEU B 281 9.84 23.86 -24.99
N ASN B 282 8.94 24.66 -24.38
CA ASN B 282 9.39 25.88 -23.72
C ASN B 282 10.21 25.57 -22.47
N HIS B 283 9.99 24.43 -21.83
CA HIS B 283 10.66 24.13 -20.57
C HIS B 283 11.00 22.66 -20.37
N LEU B 284 10.35 21.76 -21.11
CA LEU B 284 10.58 20.34 -20.87
C LEU B 284 12.05 20.00 -21.10
N PRO B 285 12.69 19.25 -20.20
CA PRO B 285 14.05 18.78 -20.48
C PRO B 285 14.10 18.07 -21.83
N THR B 286 15.11 18.42 -22.62
CA THR B 286 15.23 17.93 -23.98
C THR B 286 16.67 17.59 -24.30
N THR B 287 16.87 16.45 -24.94
CA THR B 287 18.16 16.04 -25.47
C THR B 287 18.02 15.83 -26.98
N SER B 288 19.16 15.74 -27.66
CA SER B 288 19.13 15.42 -29.08
C SER B 288 18.39 14.12 -29.34
N TYR B 289 18.47 13.18 -28.39
CA TYR B 289 17.79 11.90 -28.55
C TYR B 289 16.28 12.08 -28.55
N ASP B 290 15.77 12.97 -27.70
CA ASP B 290 14.33 13.24 -27.68
C ASP B 290 13.87 13.89 -28.98
N ILE B 291 14.66 14.84 -29.50
CA ILE B 291 14.28 15.49 -30.75
C ILE B 291 14.25 14.48 -31.88
N LYS B 292 15.26 13.60 -31.95
CA LYS B 292 15.29 12.57 -32.97
C LYS B 292 14.07 11.66 -32.89
N ILE B 293 13.67 11.28 -31.67
CA ILE B 293 12.50 10.42 -31.51
C ILE B 293 11.24 11.13 -31.98
N ASP B 294 11.08 12.41 -31.60
CA ASP B 294 9.87 13.14 -31.96
C ASP B 294 9.79 13.37 -33.47
N GLN B 295 10.89 13.76 -34.10
CA GLN B 295 10.84 14.20 -35.49
C GLN B 295 10.98 13.06 -36.49
N GLN B 296 11.73 12.02 -36.16
CA GLN B 296 12.01 10.95 -37.11
C GLN B 296 11.21 9.68 -36.87
N PHE B 297 11.11 9.23 -35.62
CA PHE B 297 10.60 7.89 -35.32
C PHE B 297 9.20 7.86 -34.74
N SER B 298 8.62 9.01 -34.42
CA SER B 298 7.30 9.04 -33.80
C SER B 298 6.21 9.19 -34.86
N THR B 299 5.04 8.64 -34.56
CA THR B 299 3.91 8.71 -35.49
C THR B 299 3.27 10.09 -35.51
N ASN B 300 3.42 10.87 -34.44
CA ASN B 300 2.77 12.18 -34.31
C ASN B 300 3.83 13.23 -33.98
N PRO B 301 4.72 13.53 -34.93
CA PRO B 301 5.78 14.51 -34.65
C PRO B 301 5.20 15.86 -34.26
N GLY B 302 5.79 16.46 -33.22
CA GLY B 302 5.34 17.73 -32.71
C GLY B 302 4.27 17.66 -31.65
N PHE B 303 3.76 16.47 -31.34
CA PHE B 303 2.73 16.29 -30.34
C PHE B 303 3.13 15.22 -29.34
N HIS B 304 2.51 15.28 -28.16
CA HIS B 304 2.75 14.29 -27.10
C HIS B 304 4.24 14.20 -26.76
N LEU B 305 4.86 15.36 -26.53
CA LEU B 305 6.29 15.39 -26.26
C LEU B 305 6.60 15.02 -24.81
N PHE B 306 5.73 15.42 -23.87
CA PHE B 306 5.89 14.96 -22.50
C PHE B 306 5.84 13.44 -22.43
N GLU B 307 4.88 12.84 -23.12
CA GLU B 307 4.76 11.38 -23.14
C GLU B 307 6.03 10.73 -23.67
N LYS B 308 6.67 11.35 -24.67
CA LYS B 308 7.84 10.76 -25.29
C LYS B 308 9.06 10.74 -24.37
N ARG B 309 9.01 11.44 -23.25
CA ARG B 309 10.08 11.40 -22.25
C ARG B 309 9.73 10.53 -21.06
N VAL B 310 8.53 9.99 -21.00
CA VAL B 310 8.01 9.40 -19.76
C VAL B 310 7.52 7.97 -19.99
N SER B 311 6.74 7.75 -21.03
CA SER B 311 5.98 6.52 -21.15
C SER B 311 6.86 5.37 -21.65
N GLY B 312 6.34 4.15 -21.50
CA GLY B 312 7.11 2.95 -21.79
C GLY B 312 7.37 2.71 -23.26
N LEU B 313 6.56 3.30 -24.13
CA LEU B 313 6.76 3.13 -25.57
C LEU B 313 8.10 3.70 -26.02
N TYR B 314 8.64 4.69 -25.29
CA TYR B 314 9.74 5.51 -25.77
C TYR B 314 11.02 5.40 -24.95
N LEU B 315 10.97 4.90 -23.72
CA LEU B 315 12.16 4.92 -22.88
C LEU B 315 13.26 4.03 -23.47
N GLY B 316 12.90 2.85 -23.97
CA GLY B 316 13.89 2.01 -24.63
C GLY B 316 14.45 2.64 -25.88
N GLU B 317 13.60 3.31 -26.66
CA GLU B 317 14.06 3.97 -27.87
C GLU B 317 15.04 5.08 -27.57
N ILE B 318 14.94 5.71 -26.40
CA ILE B 318 15.92 6.73 -26.01
C ILE B 318 17.29 6.09 -25.85
N LEU B 319 17.35 4.94 -25.18
CA LEU B 319 18.62 4.24 -25.01
C LEU B 319 19.22 3.86 -26.36
N ARG B 320 18.39 3.37 -27.28
CA ARG B 320 18.89 2.97 -28.59
C ARG B 320 19.61 4.13 -29.27
N ASN B 321 18.98 5.31 -29.27
CA ASN B 321 19.58 6.47 -29.91
C ASN B 321 20.84 6.92 -29.18
N ILE B 322 20.93 6.66 -27.87
CA ILE B 322 22.16 6.99 -27.16
C ILE B 322 23.29 6.07 -27.59
N LEU B 323 23.01 4.77 -27.71
CA LEU B 323 24.04 3.83 -28.14
C LEU B 323 24.46 4.09 -29.59
N LEU B 324 23.50 4.45 -30.44
CA LEU B 324 23.85 4.78 -31.82
C LEU B 324 24.75 6.00 -31.89
N ASP B 325 24.46 7.02 -31.09
CA ASP B 325 25.31 8.21 -31.05
C ASP B 325 26.70 7.87 -30.56
N LEU B 326 26.80 6.98 -29.56
CA LEU B 326 28.10 6.58 -29.05
C LEU B 326 28.88 5.74 -30.05
N GLU B 327 28.20 5.08 -30.98
CA GLU B 327 28.90 4.34 -32.03
C GLU B 327 29.47 5.30 -33.07
N LYS B 328 28.66 6.25 -33.52
CA LYS B 328 29.14 7.28 -34.43
C LYS B 328 30.37 7.98 -33.86
N GLN B 329 30.40 8.16 -32.54
CA GLN B 329 31.56 8.75 -31.86
C GLN B 329 32.73 7.78 -31.76
N GLU B 330 32.60 6.54 -32.24
CA GLU B 330 33.66 5.55 -32.17
C GLU B 330 33.99 5.14 -30.73
N LEU B 331 33.01 5.27 -29.84
CA LEU B 331 33.19 4.94 -28.43
C LEU B 331 32.54 3.62 -28.04
N PHE B 332 31.51 3.19 -28.75
CA PHE B 332 30.81 1.95 -28.43
C PHE B 332 30.74 1.07 -29.66
N ASP B 333 31.09 -0.21 -29.49
CA ASP B 333 31.10 -1.17 -30.58
C ASP B 333 29.76 -1.91 -30.60
N LEU B 334 28.94 -1.63 -31.60
CA LEU B 334 27.65 -2.32 -31.73
C LEU B 334 27.80 -3.73 -32.28
N LYS B 335 28.98 -4.12 -32.74
CA LYS B 335 29.29 -5.51 -33.10
C LYS B 335 28.26 -5.95 -34.15
N GLU B 336 27.66 -7.14 -34.03
CA GLU B 336 26.66 -7.64 -34.97
C GLU B 336 25.24 -7.47 -34.44
N SER B 337 24.98 -6.38 -33.74
CA SER B 337 23.64 -6.13 -33.22
C SER B 337 22.71 -5.68 -34.34
N VAL B 338 21.42 -5.60 -34.02
CA VAL B 338 20.41 -5.22 -34.99
C VAL B 338 19.71 -3.94 -34.52
N LEU B 339 20.43 -3.13 -33.75
CA LEU B 339 19.84 -1.87 -33.26
C LEU B 339 19.63 -0.90 -34.40
N LYS B 340 20.62 -0.74 -35.27
CA LYS B 340 20.54 0.25 -36.34
C LYS B 340 19.37 -0.08 -37.26
N ASN B 341 18.63 0.96 -37.66
CA ASN B 341 17.52 0.85 -38.59
C ASN B 341 16.35 0.04 -38.04
N ASN B 342 16.27 -0.11 -36.72
CA ASN B 342 15.17 -0.83 -36.07
C ASN B 342 14.63 -0.01 -34.91
N PRO B 343 13.89 1.07 -35.21
CA PRO B 343 13.30 1.87 -34.14
C PRO B 343 12.43 1.02 -33.22
N PHE B 344 12.54 1.29 -31.92
CA PHE B 344 11.73 0.66 -30.89
C PHE B 344 12.03 -0.82 -30.71
N ILE B 345 13.20 -1.28 -31.17
CA ILE B 345 13.57 -2.67 -30.93
C ILE B 345 14.03 -2.86 -29.48
N LEU B 346 14.57 -1.81 -28.85
CA LEU B 346 14.82 -1.82 -27.42
C LEU B 346 13.58 -1.31 -26.71
N THR B 347 13.00 -2.15 -25.86
CA THR B 347 11.77 -1.84 -25.17
C THR B 347 12.03 -1.43 -23.73
N THR B 348 11.04 -0.79 -23.12
CA THR B 348 11.10 -0.52 -21.68
C THR B 348 11.12 -1.83 -20.89
N GLU B 349 10.53 -2.89 -21.46
CA GLU B 349 10.65 -4.20 -20.83
C GLU B 349 12.11 -4.65 -20.79
N THR B 350 12.87 -4.35 -21.85
CA THR B 350 14.31 -4.62 -21.82
C THR B 350 14.98 -3.83 -20.70
N LEU B 351 14.63 -2.55 -20.56
CA LEU B 351 15.23 -1.73 -19.51
C LEU B 351 14.89 -2.23 -18.12
N SER B 352 13.68 -2.79 -17.94
CA SER B 352 13.27 -3.24 -16.62
C SER B 352 14.19 -4.34 -16.09
N HIS B 353 14.81 -5.10 -16.99
CA HIS B 353 15.77 -6.12 -16.58
C HIS B 353 17.15 -5.54 -16.28
N ILE B 354 17.39 -4.26 -16.59
CA ILE B 354 18.68 -3.63 -16.39
C ILE B 354 18.66 -2.77 -15.14
N GLU B 355 17.49 -2.17 -14.85
CA GLU B 355 17.39 -1.16 -13.80
C GLU B 355 18.02 -1.62 -12.49
N ILE B 356 17.64 -2.79 -12.01
CA ILE B 356 18.12 -3.31 -10.73
C ILE B 356 18.98 -4.55 -10.92
N ASP B 357 19.53 -4.75 -12.11
CA ASP B 357 20.54 -5.81 -12.27
C ASP B 357 21.74 -5.49 -11.40
N THR B 358 22.44 -6.54 -10.96
CA THR B 358 23.52 -6.41 -9.99
C THR B 358 24.85 -6.83 -10.61
N VAL B 359 25.91 -6.13 -10.22
CA VAL B 359 27.25 -6.49 -10.67
C VAL B 359 27.73 -7.78 -10.03
N GLU B 360 27.17 -8.15 -8.87
CA GLU B 360 27.54 -9.40 -8.23
C GLU B 360 27.34 -10.58 -9.17
N ASN B 361 26.38 -10.47 -10.09
CA ASN B 361 26.16 -11.48 -11.12
C ASN B 361 26.74 -11.07 -12.46
N ASP B 362 27.69 -10.12 -12.46
CA ASP B 362 28.28 -9.61 -13.70
C ASP B 362 27.22 -9.08 -14.66
N LEU B 363 26.10 -8.57 -14.11
CA LEU B 363 25.04 -7.98 -14.90
C LEU B 363 24.58 -8.94 -16.01
N GLN B 364 24.30 -10.18 -15.61
CA GLN B 364 23.92 -11.20 -16.58
C GLN B 364 22.54 -10.94 -17.15
N ASP B 365 21.61 -10.43 -16.34
CA ASP B 365 20.28 -10.11 -16.85
C ASP B 365 20.37 -9.04 -17.94
N THR B 366 21.21 -8.02 -17.73
CA THR B 366 21.42 -7.01 -18.76
C THR B 366 21.97 -7.64 -20.03
N ARG B 367 22.94 -8.54 -19.90
CA ARG B 367 23.51 -9.20 -21.08
C ARG B 367 22.45 -9.98 -21.84
N ASP B 368 21.67 -10.80 -21.12
CA ASP B 368 20.65 -11.61 -21.76
C ASP B 368 19.58 -10.73 -22.40
N ALA B 369 19.17 -9.67 -21.71
CA ALA B 369 18.13 -8.80 -22.25
C ALA B 369 18.60 -8.13 -23.55
N LEU B 370 19.86 -7.69 -23.58
CA LEU B 370 20.37 -7.03 -24.79
C LEU B 370 20.56 -8.03 -25.92
N LEU B 371 20.98 -9.25 -25.59
CA LEU B 371 21.08 -10.30 -26.62
C LEU B 371 19.70 -10.69 -27.12
N LYS B 372 18.74 -10.86 -26.22
CA LYS B 372 17.39 -11.24 -26.63
C LYS B 372 16.72 -10.16 -27.46
N ALA B 373 16.99 -8.88 -27.17
CA ALA B 373 16.28 -7.80 -27.83
C ALA B 373 16.85 -7.50 -29.21
N ALA B 374 18.18 -7.38 -29.32
CA ALA B 374 18.77 -6.94 -30.59
C ALA B 374 20.13 -7.60 -30.85
N ASP B 375 20.38 -8.77 -30.28
CA ASP B 375 21.61 -9.51 -30.53
C ASP B 375 22.84 -8.63 -30.31
N LEU B 376 22.85 -7.92 -29.20
CA LEU B 376 23.94 -7.00 -28.84
C LEU B 376 24.82 -7.68 -27.80
N GLU B 377 25.97 -8.19 -28.24
CA GLU B 377 26.96 -8.69 -27.30
C GLU B 377 27.58 -7.52 -26.54
N THR B 378 27.89 -7.76 -25.28
CA THR B 378 28.41 -6.71 -24.41
C THR B 378 29.48 -7.28 -23.50
N THR B 379 30.41 -6.42 -23.10
CA THR B 379 31.33 -6.74 -22.02
C THR B 379 30.75 -6.27 -20.70
N PHE B 380 31.32 -6.78 -19.60
CA PHE B 380 30.86 -6.34 -18.29
C PHE B 380 30.98 -4.83 -18.13
N GLU B 381 32.12 -4.27 -18.57
CA GLU B 381 32.32 -2.83 -18.43
C GLU B 381 31.30 -2.05 -19.23
N GLU B 382 30.97 -2.53 -20.44
CA GLU B 382 29.94 -1.87 -21.24
C GLU B 382 28.58 -1.94 -20.55
N ARG B 383 28.27 -3.06 -19.91
CA ARG B 383 26.99 -3.20 -19.23
C ARG B 383 26.90 -2.28 -18.02
N VAL B 384 28.02 -2.06 -17.33
CA VAL B 384 28.01 -1.12 -16.20
C VAL B 384 27.58 0.25 -16.66
N LEU B 385 28.07 0.68 -17.83
CA LEU B 385 27.74 2.01 -18.32
C LEU B 385 26.33 2.05 -18.91
N ILE B 386 25.92 0.98 -19.59
CA ILE B 386 24.56 0.90 -20.10
C ILE B 386 23.56 0.99 -18.95
N GLN B 387 23.89 0.38 -17.81
CA GLN B 387 23.01 0.48 -16.65
C GLN B 387 22.88 1.93 -16.18
N LYS B 388 23.99 2.67 -16.15
CA LYS B 388 23.92 4.08 -15.79
C LYS B 388 22.99 4.84 -16.73
N LEU B 389 23.09 4.57 -18.03
CA LEU B 389 22.23 5.25 -19.00
C LEU B 389 20.76 4.92 -18.74
N VAL B 390 20.45 3.65 -18.53
CA VAL B 390 19.07 3.24 -18.26
C VAL B 390 18.53 3.96 -17.04
N ARG B 391 19.32 3.99 -15.96
CA ARG B 391 18.86 4.60 -14.73
C ARG B 391 18.64 6.10 -14.86
N ALA B 392 19.46 6.78 -15.68
CA ALA B 392 19.24 8.19 -15.92
C ALA B 392 17.96 8.42 -16.72
N ILE B 393 17.69 7.55 -17.70
CA ILE B 393 16.48 7.68 -18.50
C ILE B 393 15.25 7.48 -17.63
N SER B 394 15.26 6.43 -16.80
CA SER B 394 14.08 6.12 -16.00
C SER B 394 13.86 7.14 -14.89
N ARG B 395 14.95 7.63 -14.29
CA ARG B 395 14.80 8.64 -13.23
C ARG B 395 14.19 9.92 -13.78
N ARG B 396 14.65 10.37 -14.95
CA ARG B 396 14.04 11.55 -15.56
C ARG B 396 12.57 11.30 -15.85
N ALA B 397 12.24 10.12 -16.35
CA ALA B 397 10.84 9.79 -16.63
C ALA B 397 10.00 9.85 -15.36
N ALA B 398 10.52 9.29 -14.26
CA ALA B 398 9.75 9.26 -13.02
C ALA B 398 9.65 10.65 -12.39
N PHE B 399 10.73 11.43 -12.47
CA PHE B 399 10.69 12.79 -11.94
C PHE B 399 9.70 13.66 -12.70
N LEU B 400 9.71 13.56 -14.04
CA LEU B 400 8.73 14.28 -14.84
C LEU B 400 7.31 13.78 -14.57
N ALA B 401 7.15 12.48 -14.33
CA ALA B 401 5.82 11.92 -14.10
C ALA B 401 5.15 12.54 -12.88
N ALA B 402 5.93 13.00 -11.91
CA ALA B 402 5.37 13.61 -10.72
C ALA B 402 4.85 15.02 -10.96
N VAL B 403 5.34 15.70 -12.00
CA VAL B 403 4.99 17.10 -12.21
C VAL B 403 3.50 17.28 -12.40
N PRO B 404 2.84 16.61 -13.36
CA PRO B 404 1.40 16.82 -13.53
C PRO B 404 0.59 16.55 -12.27
N ILE B 405 1.00 15.56 -11.47
CA ILE B 405 0.25 15.22 -10.27
C ILE B 405 0.37 16.34 -9.24
N ALA B 406 1.60 16.78 -8.98
CA ALA B 406 1.79 17.89 -8.03
C ALA B 406 1.03 19.12 -8.49
N ALA B 407 1.09 19.43 -9.78
CA ALA B 407 0.41 20.61 -10.30
C ALA B 407 -1.09 20.53 -10.05
N ILE B 408 -1.69 19.38 -10.38
CA ILE B 408 -3.13 19.23 -10.17
C ILE B 408 -3.48 19.38 -8.69
N LEU B 409 -2.69 18.75 -7.81
CA LEU B 409 -2.99 18.83 -6.39
C LEU B 409 -2.90 20.27 -5.90
N ILE B 410 -1.95 21.04 -6.41
CA ILE B 410 -1.77 22.42 -5.98
C ILE B 410 -2.90 23.30 -6.51
N LYS B 411 -3.19 23.16 -7.81
CA LYS B 411 -4.21 24.01 -8.43
C LYS B 411 -5.57 23.82 -7.75
N THR B 412 -5.94 22.57 -7.46
CA THR B 412 -7.23 22.26 -6.89
C THR B 412 -7.23 22.29 -5.36
N ASN B 413 -6.10 22.63 -4.74
CA ASN B 413 -6.01 22.64 -3.28
C ASN B 413 -6.47 21.30 -2.70
N ALA B 414 -6.02 20.21 -3.34
CA ALA B 414 -6.52 18.88 -3.02
C ALA B 414 -6.03 18.40 -1.65
N LEU B 415 -4.86 18.85 -1.22
CA LEU B 415 -4.33 18.39 0.06
C LEU B 415 -5.05 19.02 1.25
N ASN B 416 -6.00 19.92 1.02
CA ASN B 416 -6.85 20.46 2.07
C ASN B 416 -8.04 19.53 2.25
N GLN B 417 -7.95 18.62 3.21
CA GLN B 417 -8.98 17.62 3.43
C GLN B 417 -9.30 17.55 4.92
N SER B 418 -10.10 16.57 5.33
CA SER B 418 -10.44 16.43 6.73
C SER B 418 -9.28 15.76 7.48
N TYR B 419 -9.42 15.69 8.80
CA TYR B 419 -8.37 15.12 9.64
C TYR B 419 -8.01 13.71 9.18
N HIS B 420 -6.71 13.47 9.04
CA HIS B 420 -6.16 12.17 8.65
C HIS B 420 -6.44 11.82 7.19
N CYS B 421 -7.29 12.58 6.51
CA CYS B 421 -7.64 12.24 5.15
C CYS B 421 -6.50 12.63 4.22
N GLN B 422 -6.10 11.67 3.39
CA GLN B 422 -5.07 11.87 2.39
C GLN B 422 -5.72 11.81 1.01
N VAL B 423 -4.96 12.20 0.01
CA VAL B 423 -5.43 12.15 -1.37
C VAL B 423 -4.85 10.90 -2.01
N GLU B 424 -5.68 10.22 -2.78
CA GLU B 424 -5.29 9.00 -3.48
C GLU B 424 -5.17 9.31 -4.96
N VAL B 425 -4.09 8.85 -5.57
CA VAL B 425 -3.85 8.98 -6.99
C VAL B 425 -3.88 7.57 -7.57
N GLY B 426 -4.98 7.22 -8.23
CA GLY B 426 -5.11 5.91 -8.82
C GLY B 426 -4.22 5.79 -10.04
N CYS B 427 -3.30 4.84 -10.03
CA CYS B 427 -2.30 4.68 -11.08
C CYS B 427 -2.45 3.31 -11.74
N ASP B 428 -2.39 3.30 -13.06
CA ASP B 428 -2.38 2.06 -13.83
C ASP B 428 -1.34 2.18 -14.93
N GLY B 429 -0.96 1.03 -15.48
CA GLY B 429 0.05 1.00 -16.53
C GLY B 429 1.26 0.17 -16.14
N SER B 430 1.92 -0.42 -17.13
CA SER B 430 2.99 -1.36 -16.85
C SER B 430 4.22 -0.69 -16.23
N VAL B 431 4.44 0.59 -16.53
CA VAL B 431 5.65 1.26 -16.05
C VAL B 431 5.53 1.56 -14.57
N VAL B 432 4.49 2.28 -14.16
CA VAL B 432 4.32 2.61 -12.75
C VAL B 432 4.11 1.35 -11.93
N GLU B 433 3.50 0.32 -12.51
CA GLU B 433 3.19 -0.88 -11.76
C GLU B 433 4.39 -1.81 -11.66
N HIS B 434 5.14 -1.99 -12.75
CA HIS B 434 6.13 -3.05 -12.83
C HIS B 434 7.57 -2.59 -13.05
N TYR B 435 7.80 -1.36 -13.50
CA TYR B 435 9.17 -0.92 -13.69
C TYR B 435 9.81 -0.69 -12.33
N PRO B 436 10.83 -1.46 -11.95
CA PRO B 436 11.33 -1.38 -10.57
C PRO B 436 11.85 0.01 -10.24
N GLY B 437 11.35 0.56 -9.13
CA GLY B 437 11.79 1.84 -8.63
C GLY B 437 11.06 3.04 -9.20
N PHE B 438 10.22 2.85 -10.22
CA PHE B 438 9.57 3.99 -10.85
C PHE B 438 8.68 4.74 -9.86
N ARG B 439 7.88 4.00 -9.09
CA ARG B 439 7.03 4.63 -8.08
C ARG B 439 7.86 5.32 -7.01
N SER B 440 8.95 4.68 -6.56
CA SER B 440 9.78 5.27 -5.52
C SER B 440 10.37 6.59 -5.99
N MET B 441 10.74 6.69 -7.26
CA MET B 441 11.33 7.91 -7.78
C MET B 441 10.26 8.98 -8.00
N MET B 442 9.05 8.60 -8.39
CA MET B 442 7.94 9.55 -8.42
C MET B 442 7.70 10.16 -7.05
N ARG B 443 7.78 9.35 -5.99
CA ARG B 443 7.55 9.86 -4.65
C ARG B 443 8.67 10.80 -4.22
N HIS B 444 9.91 10.46 -4.56
CA HIS B 444 11.02 11.38 -4.33
C HIS B 444 10.77 12.71 -5.02
N ALA B 445 10.36 12.66 -6.29
CA ALA B 445 10.12 13.89 -7.04
C ALA B 445 8.97 14.69 -6.43
N LEU B 446 7.91 14.00 -5.98
CA LEU B 446 6.83 14.69 -5.29
C LEU B 446 7.33 15.41 -4.04
N ALA B 447 8.20 14.75 -3.26
CA ALA B 447 8.76 15.40 -2.09
C ALA B 447 9.60 16.61 -2.47
N LEU B 448 10.27 16.56 -3.63
CA LEU B 448 11.05 17.70 -4.10
C LEU B 448 10.17 18.80 -4.68
N SER B 449 8.95 18.48 -5.08
CA SER B 449 8.06 19.45 -5.71
C SER B 449 7.56 20.47 -4.69
N PRO B 450 6.82 21.49 -5.11
CA PRO B 450 6.34 22.49 -4.15
C PRO B 450 5.48 21.94 -3.03
N ILE B 451 4.88 20.75 -3.18
CA ILE B 451 4.09 20.21 -2.07
C ILE B 451 5.00 19.70 -0.96
N GLY B 452 6.29 19.48 -1.24
CA GLY B 452 7.26 19.17 -0.22
C GLY B 452 7.15 17.76 0.32
N PRO B 453 8.07 17.40 1.22
CA PRO B 453 8.00 16.05 1.82
C PRO B 453 6.73 15.80 2.60
N GLU B 454 6.22 16.83 3.28
CA GLU B 454 4.97 16.68 4.03
C GLU B 454 3.79 16.49 3.09
N GLY B 455 3.81 17.13 1.91
CA GLY B 455 2.75 16.91 0.95
C GLY B 455 2.80 15.52 0.35
N GLU B 456 4.00 15.01 0.09
CA GLU B 456 4.13 13.68 -0.49
C GLU B 456 3.59 12.61 0.46
N ARG B 457 3.78 12.78 1.77
CA ARG B 457 3.27 11.81 2.72
C ARG B 457 1.74 11.76 2.69
N ASP B 458 1.10 12.86 2.35
CA ASP B 458 -0.35 12.90 2.22
C ASP B 458 -0.84 12.43 0.86
N VAL B 459 0.07 11.98 -0.01
CA VAL B 459 -0.28 11.49 -1.34
C VAL B 459 -0.01 9.99 -1.38
N HIS B 460 -1.01 9.23 -1.83
CA HIS B 460 -0.91 7.77 -1.92
C HIS B 460 -1.00 7.41 -3.39
N LEU B 461 0.14 7.08 -3.99
CA LEU B 461 0.19 6.54 -5.36
C LEU B 461 -0.20 5.07 -5.29
N ARG B 462 -1.48 4.80 -5.56
CA ARG B 462 -2.03 3.46 -5.42
C ARG B 462 -2.22 2.84 -6.79
N ILE B 463 -1.74 1.60 -6.95
CA ILE B 463 -2.00 0.88 -8.19
C ILE B 463 -3.46 0.48 -8.20
N SER B 464 -4.22 1.01 -9.15
CA SER B 464 -5.67 0.82 -9.21
C SER B 464 -6.02 0.54 -10.67
N LYS B 465 -6.19 -0.73 -11.01
CA LYS B 465 -6.47 -1.13 -12.39
C LYS B 465 -7.96 -1.12 -12.70
N ASP B 466 -8.30 -0.57 -13.86
CA ASP B 466 -9.66 -0.58 -14.37
C ASP B 466 -9.69 -1.36 -15.68
N GLY B 467 -9.16 -2.58 -15.64
CA GLY B 467 -9.17 -3.44 -16.82
C GLY B 467 -10.43 -4.25 -16.98
N SER B 468 -11.29 -4.26 -15.98
CA SER B 468 -12.54 -5.00 -16.01
C SER B 468 -13.71 -4.20 -16.56
N GLY B 469 -13.51 -2.91 -16.85
CA GLY B 469 -14.56 -2.11 -17.45
C GLY B 469 -15.53 -1.49 -16.47
N VAL B 470 -15.19 -1.46 -15.18
CA VAL B 470 -16.08 -0.88 -14.18
C VAL B 470 -16.29 0.60 -14.46
N GLY B 471 -15.24 1.30 -14.87
CA GLY B 471 -15.38 2.72 -15.15
C GLY B 471 -16.37 2.98 -16.28
N ALA B 472 -16.23 2.26 -17.38
CA ALA B 472 -17.18 2.39 -18.47
C ALA B 472 -18.58 1.93 -18.03
N ALA B 473 -18.65 0.87 -17.24
CA ALA B 473 -19.94 0.36 -16.79
C ALA B 473 -20.68 1.38 -15.95
N LEU B 474 -19.96 2.11 -15.10
CA LEU B 474 -20.61 3.12 -14.26
C LEU B 474 -21.22 4.24 -15.11
N CYS B 475 -20.54 4.62 -16.19
CA CYS B 475 -21.08 5.66 -17.06
C CYS B 475 -22.30 5.15 -17.83
N ALA B 476 -22.24 3.90 -18.30
CA ALA B 476 -23.38 3.34 -19.02
C ALA B 476 -24.60 3.20 -18.11
N LEU B 477 -24.38 2.78 -16.86
CA LEU B 477 -25.48 2.68 -15.91
C LEU B 477 -26.24 3.99 -15.80
N HIS B 478 -25.51 5.11 -15.75
CA HIS B 478 -26.15 6.42 -15.63
C HIS B 478 -26.92 6.78 -16.90
N ALA B 479 -26.35 6.51 -18.07
CA ALA B 479 -26.91 6.99 -19.33
C ALA B 479 -28.23 6.28 -19.65
N ASN B 480 -28.96 6.86 -20.60
CA ASN B 480 -30.22 6.29 -21.07
C ASN B 480 -29.97 5.43 -22.30
N TYR B 481 -30.70 4.31 -22.38
CA TYR B 481 -30.57 3.38 -23.49
C TYR B 481 -31.02 4.03 -24.80
C1 MAN C . 2.79 -7.68 24.43
C2 MAN C . 3.57 -8.94 24.69
C3 MAN C . 4.36 -9.37 23.45
C4 MAN C . 3.47 -9.37 22.22
C5 MAN C . 2.75 -8.04 22.05
C6 MAN C . 1.80 -8.01 20.88
O1 MAN C . 3.70 -6.65 24.30
O2 MAN C . 2.70 -9.99 25.12
O3 MAN C . 4.90 -10.67 23.67
O4 MAN C . 4.24 -9.61 21.05
O5 MAN C . 2.00 -7.76 23.25
O6 MAN C . 0.82 -9.04 20.98
H1 MAN C . 2.18 -7.54 25.21
H2 MAN C . 4.22 -8.77 25.40
H3 MAN C . 5.09 -8.72 23.29
H4 MAN C . 2.79 -10.09 22.32
H5 MAN C . 3.43 -7.32 21.93
H61 MAN C . 2.30 -8.11 20.05
H62 MAN C . 1.35 -7.14 20.86
HO1 MAN C . 3.32 -6.01 23.89
HO2 MAN C . 2.15 -10.16 24.50
HO3 MAN C . 5.28 -10.67 24.42
HO4 MAN C . 4.68 -10.33 21.14
HO6 MAN C . 0.32 -9.01 20.30
C1 MLI D . -5.95 -9.78 20.28
C2 MLI D . -6.12 -11.15 19.61
C3 MLI D . -4.55 -9.20 20.11
O6 MLI D . -6.41 -12.12 20.33
O7 MLI D . -5.98 -11.22 18.38
O8 MLI D . -4.43 -8.13 19.49
O9 MLI D . -3.59 -9.83 20.61
H11 MLI D . -6.14 -9.87 21.24
H12 MLI D . -6.60 -9.16 19.90
C1 MLI E . -8.11 -0.96 17.67
C2 MLI E . -8.75 -1.71 18.83
C3 MLI E . -9.10 -0.40 16.66
O6 MLI E . -9.97 -1.93 18.78
O7 MLI E . -8.01 -2.10 19.75
O8 MLI E . -9.12 0.83 16.46
O9 MLI E . -9.86 -1.20 16.07
H11 MLI E . -7.59 -0.21 18.04
H12 MLI E . -7.49 -1.55 17.20
C1 MLI F . 14.24 15.18 29.05
C2 MLI F . 13.94 13.71 29.36
C3 MLI F . 13.35 15.78 27.97
O6 MLI F . 12.82 13.43 29.82
O7 MLI F . 14.83 12.87 29.14
O8 MLI F . 12.12 15.82 28.18
O9 MLI F . 13.89 16.19 26.93
H11 MLI F . 14.14 15.70 29.87
H12 MLI F . 15.17 15.25 28.78
C1 MLI G . 25.77 -2.79 13.64
C2 MLI G . 24.93 -3.25 14.82
C3 MLI G . 26.72 -3.86 13.10
O6 MLI G . 25.13 -2.72 15.93
O7 MLI G . 24.05 -4.12 14.61
O8 MLI G . 26.76 -4.95 13.70
O9 MLI G . 27.39 -3.59 12.09
H11 MLI G . 26.30 -2.01 13.91
H12 MLI G . 25.18 -2.50 12.92
C1 MLI H . -0.63 12.71 9.48
C2 MLI H . -2.06 12.74 10.02
C3 MLI H . 0.28 13.72 10.15
O6 MLI H . -2.31 13.54 10.94
O7 MLI H . -2.89 11.97 9.53
O8 MLI H . 0.71 14.67 9.45
O9 MLI H . 0.58 13.56 11.34
H11 MLI H . -0.65 12.88 8.52
H12 MLI H . -0.27 11.82 9.62
C1 MLI I . 14.14 6.57 -4.91
C2 MLI I . 14.96 7.85 -4.91
C3 MLI I . 14.87 5.37 -5.51
O6 MLI I . 15.99 7.87 -4.20
O7 MLI I . 14.58 8.79 -5.62
O8 MLI I . 15.96 5.58 -6.07
O9 MLI I . 14.34 4.25 -5.41
H11 MLI I . 13.87 6.35 -4.00
H12 MLI I . 13.31 6.72 -5.42
C1 MAN J . -2.03 8.62 -24.68
C2 MAN J . -3.42 9.02 -25.13
C3 MAN J . -4.35 9.23 -23.94
C4 MAN J . -4.29 8.06 -22.99
C5 MAN J . -2.85 7.77 -22.58
C6 MAN J . -2.71 6.57 -21.67
O1 MAN J . -1.46 9.71 -24.05
O2 MAN J . -3.94 8.04 -26.03
O3 MAN J . -5.68 9.41 -24.43
O4 MAN J . -5.04 8.34 -21.81
O5 MAN J . -2.06 7.52 -23.76
O6 MAN J . -3.26 5.40 -22.28
H1 MAN J . -1.51 8.34 -25.48
H2 MAN J . -3.34 9.88 -25.62
H3 MAN J . -4.07 10.04 -23.45
H4 MAN J . -4.67 7.26 -23.43
H5 MAN J . -2.49 8.56 -22.11
H61 MAN J . -3.18 6.74 -20.83
H62 MAN J . -1.76 6.41 -21.49
HO1 MAN J . -0.82 9.45 -23.58
HO2 MAN J . -4.02 7.31 -25.62
HO3 MAN J . -5.67 10.00 -25.05
HO4 MAN J . -5.83 8.55 -22.02
HO6 MAN J . -3.20 4.75 -21.74
C1 MLI K . -1.86 -1.23 -23.03
C2 MLI K . -3.33 -1.66 -22.88
C3 MLI K . -1.59 0.20 -22.59
O6 MLI K . -3.83 -1.66 -21.74
O7 MLI K . -3.95 -1.98 -23.91
O8 MLI K . -2.17 1.12 -23.19
O9 MLI K . -0.80 0.39 -21.64
H11 MLI K . -1.31 -1.84 -22.50
H12 MLI K . -1.60 -1.33 -23.96
C1 MLI L . 18.17 22.05 -15.61
C2 MLI L . 17.38 23.12 -16.36
C3 MLI L . 17.86 21.96 -14.12
O6 MLI L . 16.68 23.90 -15.69
O7 MLI L . 17.48 23.18 -17.60
O8 MLI L . 17.40 20.89 -13.69
O9 MLI L . 18.09 22.97 -13.42
H11 MLI L . 19.12 22.23 -15.72
H12 MLI L . 17.99 21.19 -16.02
C1 MLI M . 6.38 29.83 -21.18
C2 MLI M . 6.46 30.51 -19.82
C3 MLI M . 7.06 30.60 -22.31
O6 MLI M . 7.58 30.70 -19.32
O7 MLI M . 5.39 30.86 -19.27
O8 MLI M . 8.28 30.80 -22.22
O9 MLI M . 6.35 30.98 -23.26
H11 MLI M . 6.79 28.95 -21.10
H12 MLI M . 5.44 29.69 -21.41
C1 MLI N . 7.08 -1.70 -18.47
C2 MLI N . 7.78 -2.72 -17.56
C3 MLI N . 6.76 -2.23 -19.86
O6 MLI N . 7.35 -3.88 -17.55
O7 MLI N . 8.73 -2.32 -16.87
O8 MLI N . 7.14 -3.38 -20.15
O9 MLI N . 6.15 -1.47 -20.64
H11 MLI N . 7.64 -0.91 -18.54
H12 MLI N . 6.24 -1.43 -18.04
C1 MLI O . -9.27 26.50 -7.68
C2 MLI O . -10.26 27.64 -7.93
C3 MLI O . -8.90 25.73 -8.94
O6 MLI O . -9.88 28.58 -8.66
O7 MLI O . -11.38 27.57 -7.41
O8 MLI O . -8.16 26.31 -9.77
O9 MLI O . -9.35 24.58 -9.08
H11 MLI O . -9.66 25.88 -7.04
H12 MLI O . -8.46 26.86 -7.27
#